data_7XSF
#
_entry.id   7XSF
#
_cell.length_a   74.577
_cell.length_b   95.521
_cell.length_c   83.550
_cell.angle_alpha   90.000
_cell.angle_beta   97.331
_cell.angle_gamma   90.000
#
_symmetry.space_group_name_H-M   'P 1 21 1'
#
loop_
_entity.id
_entity.type
_entity.pdbx_description
1 polymer Alpha-L-fucosidase
2 non-polymer 'SODIUM ION'
3 non-polymer DI(HYDROXYETHYL)ETHER
4 non-polymer GLYCEROL
5 water water
#
_entity_poly.entity_id   1
_entity_poly.type   'polypeptide(L)'
_entity_poly.pdbx_seq_one_letter_code
;MGSSHHHHHHSSGLVPRGSHMQVQYNPEKPARPEDHKPFFYKYNTRQLYEKFSDDLMQRAANDRKEIEKINQLGKYKPKK
QSLDEHEVPEWFRDAKLGIFLDWGPWSVPGYAPPGSEGDTGGSYPDWYEFLMDFTYKAYHDSIWGEDFRRDDFLPLLHGN
NFDSEEYAELAVQAGAKYMVPFARHHAGWTMWESKYTFRNAVEMGPKRDILKELVEASRKRDLKFGFYFSIAEWEYPVIT
KERVSQWDPYEDMAIFHDGMGLIPRPVPLASYFPARHDRMISGKIPVKDYFGDYMMPLFKEGVDLFDPDLVWYDGGWGTP
ANSSRVPELSAYFYNQAEGRKEVVINNRAGAYLDDSNLLKFNEVLKSGEHDKLLELYMKAEQIGDYLTPEYSIGNVDINE
PWEVCRSISPAFGFNWTDNEENSLSSKELVKMFVGIVANNGNLLLVINPDGSGKLSNVQKDRLLDLGQWLKVNGEGIYST
RPWEIQESEGNFFTKSKNGEFIYIHILDKEKTTIEVPNLNPKNKGAISILGSKEKVLWENSGPITRITIPESFKDERNWP
NKYGFTLKVAVK
;
_entity_poly.pdbx_strand_id   A,B
#
# COMPACT_ATOMS: atom_id res chain seq x y z
N VAL A 23 46.20 -5.93 -15.59
CA VAL A 23 45.35 -4.82 -16.11
C VAL A 23 44.24 -5.42 -17.00
N GLN A 24 44.66 -6.08 -18.10
CA GLN A 24 43.77 -6.59 -19.11
C GLN A 24 43.42 -8.05 -18.85
N TYR A 25 42.12 -8.33 -18.82
CA TYR A 25 41.59 -9.68 -19.01
C TYR A 25 40.27 -9.53 -19.75
N ASN A 26 39.85 -10.59 -20.43
CA ASN A 26 38.50 -10.64 -20.97
C ASN A 26 37.56 -11.10 -19.87
N PRO A 27 36.63 -10.25 -19.37
CA PRO A 27 35.74 -10.63 -18.27
C PRO A 27 34.82 -11.81 -18.56
N GLU A 28 34.59 -12.09 -19.86
CA GLU A 28 33.71 -13.15 -20.32
C GLU A 28 34.46 -14.47 -20.54
N LYS A 29 35.80 -14.41 -20.47
CA LYS A 29 36.62 -15.61 -20.42
C LYS A 29 37.86 -15.31 -19.58
N PRO A 30 37.69 -15.13 -18.25
CA PRO A 30 38.74 -14.52 -17.43
C PRO A 30 39.87 -15.51 -17.08
N ALA A 31 41.10 -15.02 -17.26
CA ALA A 31 42.31 -15.77 -17.00
C ALA A 31 43.43 -14.81 -16.62
N ARG A 32 44.56 -15.36 -16.17
CA ARG A 32 45.70 -14.58 -15.70
C ARG A 32 46.10 -13.56 -16.75
N PRO A 33 46.16 -12.26 -16.41
CA PRO A 33 46.72 -11.26 -17.33
C PRO A 33 48.16 -11.54 -17.72
N GLU A 34 48.61 -10.92 -18.81
CA GLU A 34 49.85 -11.27 -19.46
C GLU A 34 51.07 -10.82 -18.64
N ASP A 35 50.99 -9.66 -17.98
CA ASP A 35 52.10 -9.14 -17.21
C ASP A 35 51.66 -8.93 -15.76
N HIS A 36 51.14 -9.98 -15.14
CA HIS A 36 50.61 -9.92 -13.80
C HIS A 36 51.69 -9.46 -12.82
N LYS A 37 51.37 -8.45 -12.01
CA LYS A 37 52.20 -8.03 -10.91
C LYS A 37 51.42 -8.26 -9.61
N PRO A 38 52.08 -8.65 -8.50
CA PRO A 38 51.41 -8.83 -7.21
C PRO A 38 50.75 -7.56 -6.69
N PHE A 39 49.60 -7.70 -6.02
CA PHE A 39 48.90 -6.57 -5.43
C PHE A 39 49.27 -6.42 -3.96
N PHE A 40 49.96 -5.32 -3.66
CA PHE A 40 50.30 -4.94 -2.31
C PHE A 40 49.54 -3.66 -1.96
N TYR A 41 48.60 -3.76 -1.02
CA TYR A 41 47.96 -2.57 -0.48
C TYR A 41 49.05 -1.73 0.22
N LYS A 42 48.85 -0.41 0.25
CA LYS A 42 49.87 0.51 0.74
C LYS A 42 50.28 0.12 2.16
N TYR A 43 49.36 -0.49 2.92
CA TYR A 43 49.65 -1.02 4.25
C TYR A 43 49.45 -2.53 4.26
N ASN A 44 50.43 -3.26 4.82
CA ASN A 44 50.27 -4.67 5.12
C ASN A 44 49.61 -4.80 6.49
N THR A 45 49.38 -6.05 6.92
CA THR A 45 48.58 -6.34 8.09
C THR A 45 49.25 -5.83 9.38
N ARG A 46 50.58 -5.96 9.50
CA ARG A 46 51.29 -5.43 10.66
C ARG A 46 51.23 -3.91 10.69
N GLN A 47 51.39 -3.27 9.52
CA GLN A 47 51.31 -1.81 9.43
C GLN A 47 49.91 -1.35 9.84
N LEU A 48 48.86 -2.07 9.41
CA LEU A 48 47.50 -1.72 9.80
C LEU A 48 47.32 -1.87 11.31
N TYR A 49 47.99 -2.86 11.89
CA TYR A 49 47.94 -3.09 13.33
C TYR A 49 48.59 -1.93 14.08
N GLU A 50 49.75 -1.48 13.61
CA GLU A 50 50.51 -0.45 14.29
C GLU A 50 49.80 0.89 14.20
N LYS A 51 49.16 1.19 13.06
CA LYS A 51 48.57 2.51 12.85
C LYS A 51 47.13 2.58 13.37
N PHE A 52 46.30 1.55 13.13
CA PHE A 52 44.85 1.75 13.16
C PHE A 52 44.14 0.95 14.26
N SER A 53 44.76 -0.13 14.76
CA SER A 53 44.04 -1.08 15.60
C SER A 53 43.48 -0.42 16.86
N ASP A 54 44.33 0.33 17.58
CA ASP A 54 43.95 0.94 18.85
C ASP A 54 42.77 1.88 18.65
N ASP A 55 42.89 2.75 17.64
CA ASP A 55 41.87 3.73 17.33
C ASP A 55 40.56 3.01 16.98
N LEU A 56 40.64 1.97 16.13
CA LEU A 56 39.47 1.22 15.73
C LEU A 56 38.78 0.61 16.95
N MET A 57 39.57 0.09 17.89
CA MET A 57 39.01 -0.61 19.03
C MET A 57 38.37 0.39 19.99
N GLN A 58 38.91 1.62 20.08
CA GLN A 58 38.28 2.67 20.87
C GLN A 58 36.95 3.10 20.23
N ARG A 59 36.96 3.38 18.92
CA ARG A 59 35.74 3.72 18.19
C ARG A 59 34.69 2.62 18.34
N ALA A 60 35.11 1.35 18.26
CA ALA A 60 34.19 0.22 18.43
C ALA A 60 33.54 0.25 19.82
N ALA A 61 34.34 0.56 20.85
CA ALA A 61 33.84 0.62 22.22
C ALA A 61 32.69 1.63 22.33
N ASN A 62 32.83 2.79 21.66
CA ASN A 62 31.82 3.84 21.66
C ASN A 62 30.54 3.35 20.97
N ASP A 63 30.68 2.74 19.78
CA ASP A 63 29.53 2.23 19.05
C ASP A 63 28.79 1.17 19.88
N ARG A 64 29.52 0.30 20.57
CA ARG A 64 28.90 -0.75 21.36
C ARG A 64 28.04 -0.15 22.48
N LYS A 65 28.52 0.96 23.07
CA LYS A 65 27.80 1.66 24.12
C LYS A 65 26.52 2.29 23.55
N GLU A 66 26.64 2.90 22.36
CA GLU A 66 25.51 3.49 21.65
C GLU A 66 24.45 2.41 21.38
N ILE A 67 24.88 1.24 20.89
CA ILE A 67 23.97 0.14 20.59
C ILE A 67 23.27 -0.32 21.86
N GLU A 68 24.04 -0.48 22.96
CA GLU A 68 23.48 -0.95 24.22
C GLU A 68 22.42 0.01 24.75
N LYS A 69 22.67 1.32 24.62
CA LYS A 69 21.75 2.34 25.12
C LYS A 69 20.46 2.32 24.28
N ILE A 70 20.60 2.33 22.95
CA ILE A 70 19.46 2.25 22.05
C ILE A 70 18.59 1.04 22.40
N ASN A 71 19.21 -0.10 22.68
CA ASN A 71 18.46 -1.31 23.03
C ASN A 71 17.89 -1.21 24.45
N GLN A 72 18.55 -0.41 25.30
CA GLN A 72 18.09 -0.21 26.67
C GLN A 72 16.80 0.60 26.65
N LEU A 73 16.81 1.68 25.87
CA LEU A 73 15.70 2.62 25.82
C LEU A 73 14.59 2.12 24.90
N GLY A 74 14.92 1.23 23.95
CA GLY A 74 14.04 0.89 22.83
C GLY A 74 13.08 -0.26 23.12
N LYS A 75 12.15 -0.48 22.18
CA LYS A 75 11.09 -1.47 22.31
C LYS A 75 11.67 -2.89 22.34
N TYR A 76 12.66 -3.15 21.47
CA TYR A 76 13.19 -4.49 21.26
C TYR A 76 14.48 -4.71 22.05
N LYS A 77 14.55 -5.88 22.69
CA LYS A 77 15.70 -6.32 23.48
C LYS A 77 16.41 -7.44 22.72
N PRO A 78 17.74 -7.65 22.94
CA PRO A 78 18.48 -8.71 22.26
C PRO A 78 18.13 -10.13 22.75
N LYS A 79 16.84 -10.48 22.65
CA LYS A 79 16.32 -11.76 23.13
C LYS A 79 15.33 -12.29 22.08
N LYS A 80 15.29 -13.61 21.92
CA LYS A 80 14.40 -14.23 20.94
C LYS A 80 12.94 -13.87 21.22
N GLN A 81 12.52 -13.99 22.48
CA GLN A 81 11.16 -13.68 22.92
C GLN A 81 10.74 -12.29 22.45
N SER A 82 11.62 -11.32 22.68
CA SER A 82 11.39 -9.93 22.29
C SER A 82 11.38 -9.76 20.76
N LEU A 83 12.38 -10.35 20.08
CA LEU A 83 12.56 -10.14 18.64
C LEU A 83 11.46 -10.84 17.84
N ASP A 84 10.98 -11.99 18.33
CA ASP A 84 9.97 -12.78 17.62
C ASP A 84 8.63 -12.07 17.56
N GLU A 85 8.44 -11.02 18.38
CA GLU A 85 7.19 -10.27 18.42
C GLU A 85 7.13 -9.27 17.27
N HIS A 86 8.29 -8.96 16.67
CA HIS A 86 8.30 -8.18 15.45
C HIS A 86 7.64 -9.00 14.34
N GLU A 87 6.87 -8.32 13.49
CA GLU A 87 6.08 -8.97 12.47
C GLU A 87 6.65 -8.65 11.09
N VAL A 88 6.50 -9.59 10.15
CA VAL A 88 6.85 -9.31 8.76
C VAL A 88 6.00 -8.13 8.30
N PRO A 89 6.59 -7.05 7.75
CA PRO A 89 5.79 -5.94 7.23
C PRO A 89 5.02 -6.31 5.96
N GLU A 90 3.90 -5.60 5.75
CA GLU A 90 3.04 -5.81 4.61
C GLU A 90 3.80 -5.63 3.31
N TRP A 91 4.72 -4.66 3.25
CA TRP A 91 5.43 -4.38 2.01
C TRP A 91 6.22 -5.59 1.52
N PHE A 92 6.71 -6.42 2.45
CA PHE A 92 7.54 -7.57 2.09
C PHE A 92 6.67 -8.70 1.50
N ARG A 93 5.55 -8.99 2.18
CA ARG A 93 4.58 -9.95 1.70
C ARG A 93 4.03 -9.55 0.33
N ASP A 94 3.90 -8.24 0.11
CA ASP A 94 3.29 -7.70 -1.10
C ASP A 94 4.31 -7.59 -2.25
N ALA A 95 5.61 -7.62 -1.92
CA ALA A 95 6.67 -7.36 -2.90
C ALA A 95 6.83 -8.49 -3.92
N LYS A 96 6.98 -9.73 -3.43
CA LYS A 96 7.02 -10.96 -4.21
C LYS A 96 8.36 -11.16 -4.95
N LEU A 97 8.94 -10.09 -5.51
CA LEU A 97 10.15 -10.24 -6.30
C LEU A 97 11.19 -9.23 -5.83
N GLY A 98 12.38 -9.76 -5.56
CA GLY A 98 13.56 -8.96 -5.26
C GLY A 98 14.70 -9.35 -6.19
N ILE A 99 15.71 -8.48 -6.23
CA ILE A 99 16.93 -8.75 -6.98
C ILE A 99 18.08 -8.84 -5.98
N PHE A 100 18.88 -9.92 -6.12
CA PHE A 100 20.02 -10.21 -5.28
C PHE A 100 21.27 -9.92 -6.12
N LEU A 101 21.97 -8.81 -5.84
CA LEU A 101 23.02 -8.39 -6.74
C LEU A 101 24.37 -8.96 -6.28
N ASP A 102 24.70 -10.13 -6.86
CA ASP A 102 25.81 -10.95 -6.44
C ASP A 102 27.05 -10.53 -7.23
N TRP A 103 27.75 -9.50 -6.69
CA TRP A 103 28.93 -8.96 -7.33
C TRP A 103 30.01 -8.72 -6.27
N GLY A 104 31.24 -9.07 -6.65
CA GLY A 104 32.40 -8.82 -5.81
C GLY A 104 33.66 -9.37 -6.46
N PRO A 105 34.79 -9.42 -5.72
CA PRO A 105 36.07 -9.86 -6.29
C PRO A 105 36.03 -11.22 -6.99
N TRP A 106 35.15 -12.10 -6.51
CA TRP A 106 34.95 -13.44 -7.07
C TRP A 106 34.40 -13.38 -8.49
N SER A 107 33.76 -12.27 -8.84
CA SER A 107 33.18 -12.09 -10.16
C SER A 107 34.25 -12.09 -11.25
N VAL A 108 35.50 -11.77 -10.87
CA VAL A 108 36.60 -11.72 -11.82
C VAL A 108 36.89 -13.11 -12.36
N PRO A 109 37.31 -14.11 -11.54
CA PRO A 109 37.51 -15.47 -12.04
C PRO A 109 36.24 -16.13 -12.57
N GLY A 110 35.10 -15.83 -11.92
CA GLY A 110 33.79 -16.19 -12.45
C GLY A 110 33.68 -17.67 -12.78
N TYR A 111 33.93 -18.54 -11.80
CA TYR A 111 33.93 -19.96 -12.07
C TYR A 111 33.72 -20.77 -10.80
N ALA A 112 32.98 -21.88 -10.95
CA ALA A 112 33.10 -23.04 -10.09
C ALA A 112 33.13 -24.28 -10.99
N PRO A 113 33.95 -25.32 -10.67
CA PRO A 113 34.01 -26.54 -11.47
C PRO A 113 32.83 -27.48 -11.30
N PRO A 114 32.51 -28.29 -12.34
CA PRO A 114 31.49 -29.33 -12.22
C PRO A 114 31.77 -30.25 -11.03
N GLY A 115 30.71 -30.68 -10.33
CA GLY A 115 30.86 -31.62 -9.23
C GLY A 115 31.14 -30.97 -7.87
N SER A 116 31.24 -29.63 -7.83
CA SER A 116 31.55 -28.93 -6.60
C SER A 116 30.32 -28.27 -5.98
N GLU A 117 29.12 -28.79 -6.29
CA GLU A 117 27.87 -28.18 -5.86
C GLU A 117 27.72 -28.33 -4.36
N GLY A 118 27.08 -27.35 -3.72
CA GLY A 118 26.79 -27.41 -2.30
C GLY A 118 25.65 -28.38 -2.04
N ASP A 119 25.38 -28.66 -0.76
CA ASP A 119 24.28 -29.52 -0.36
C ASP A 119 22.92 -28.89 -0.74
N THR A 120 22.90 -27.57 -0.96
CA THR A 120 21.72 -26.88 -1.46
C THR A 120 21.38 -27.32 -2.88
N GLY A 121 22.38 -27.79 -3.65
CA GLY A 121 22.24 -28.06 -5.08
C GLY A 121 22.82 -26.92 -5.92
N GLY A 122 23.13 -25.80 -5.27
CA GLY A 122 23.66 -24.64 -5.96
C GLY A 122 25.16 -24.79 -6.24
N SER A 123 25.62 -24.05 -7.25
CA SER A 123 27.04 -23.89 -7.56
C SER A 123 27.48 -22.53 -7.05
N TYR A 124 28.70 -22.43 -6.49
CA TYR A 124 29.12 -21.21 -5.78
C TYR A 124 30.44 -20.68 -6.34
N PRO A 125 30.43 -20.08 -7.54
CA PRO A 125 31.52 -19.18 -7.95
C PRO A 125 31.83 -18.11 -6.91
N ASP A 126 30.82 -17.69 -6.11
CA ASP A 126 31.06 -16.62 -5.14
C ASP A 126 31.82 -17.13 -3.91
N TRP A 127 32.15 -18.44 -3.87
CA TRP A 127 33.06 -18.98 -2.87
C TRP A 127 34.49 -19.12 -3.41
N TYR A 128 34.76 -18.58 -4.60
CA TYR A 128 36.04 -18.79 -5.25
C TYR A 128 37.20 -18.32 -4.38
N GLU A 129 37.04 -17.20 -3.68
CA GLU A 129 38.14 -16.59 -2.94
C GLU A 129 38.67 -17.54 -1.86
N PHE A 130 37.77 -18.33 -1.28
CA PHE A 130 38.10 -19.36 -0.30
C PHE A 130 38.54 -20.65 -0.99
N LEU A 131 37.68 -21.17 -1.89
CA LEU A 131 37.86 -22.52 -2.40
C LEU A 131 38.96 -22.60 -3.47
N MET A 132 39.54 -21.46 -3.89
CA MET A 132 40.70 -21.46 -4.80
C MET A 132 41.87 -22.24 -4.20
N ASP A 133 41.94 -22.34 -2.87
CA ASP A 133 43.00 -23.05 -2.18
C ASP A 133 42.57 -24.49 -1.86
N PHE A 134 41.35 -24.87 -2.26
CA PHE A 134 40.76 -26.14 -1.85
C PHE A 134 40.09 -26.79 -3.07
N THR A 135 38.75 -26.81 -3.08
CA THR A 135 37.94 -27.49 -4.08
C THR A 135 38.27 -27.01 -5.49
N TYR A 136 38.59 -25.71 -5.65
CA TYR A 136 38.75 -25.11 -6.96
C TYR A 136 40.24 -24.91 -7.30
N LYS A 137 41.14 -25.55 -6.57
CA LYS A 137 42.56 -25.23 -6.67
C LYS A 137 43.16 -25.71 -8.00
N ALA A 138 42.71 -26.87 -8.50
CA ALA A 138 43.20 -27.38 -9.78
C ALA A 138 42.96 -26.33 -10.87
N TYR A 139 41.74 -25.81 -10.92
CA TYR A 139 41.38 -24.77 -11.88
C TYR A 139 42.25 -23.54 -11.68
N HIS A 140 42.39 -23.09 -10.43
CA HIS A 140 43.09 -21.85 -10.15
C HIS A 140 44.57 -21.97 -10.53
N ASP A 141 45.16 -23.12 -10.20
CA ASP A 141 46.59 -23.34 -10.46
C ASP A 141 46.86 -23.20 -11.96
N SER A 142 46.03 -23.83 -12.81
CA SER A 142 46.28 -23.84 -14.24
C SER A 142 45.87 -22.52 -14.90
N ILE A 143 44.76 -21.89 -14.47
CA ILE A 143 44.19 -20.76 -15.19
C ILE A 143 44.71 -19.42 -14.68
N TRP A 144 45.03 -19.33 -13.37
CA TRP A 144 45.47 -18.07 -12.77
C TRP A 144 46.92 -18.16 -12.31
N GLY A 145 47.35 -19.36 -11.89
CA GLY A 145 48.71 -19.58 -11.39
C GLY A 145 48.74 -19.69 -9.86
N GLU A 146 49.69 -20.47 -9.35
CA GLU A 146 49.79 -20.74 -7.92
C GLU A 146 50.30 -19.50 -7.18
N ASP A 147 50.94 -18.57 -7.90
CA ASP A 147 51.49 -17.36 -7.30
C ASP A 147 50.46 -16.24 -7.28
N PHE A 148 49.30 -16.45 -7.94
CA PHE A 148 48.24 -15.45 -7.99
C PHE A 148 47.36 -15.63 -6.75
N ARG A 149 47.39 -14.63 -5.85
CA ARG A 149 46.74 -14.71 -4.56
C ARG A 149 45.31 -14.20 -4.65
N ARG A 150 44.55 -14.46 -3.58
CA ARG A 150 43.16 -14.03 -3.48
C ARG A 150 43.04 -12.55 -3.79
N ASP A 151 43.91 -11.75 -3.17
CA ASP A 151 43.78 -10.30 -3.18
C ASP A 151 44.22 -9.72 -4.51
N ASP A 152 44.87 -10.54 -5.36
CA ASP A 152 45.24 -10.09 -6.70
C ASP A 152 44.00 -9.84 -7.57
N PHE A 153 42.85 -10.43 -7.19
CA PHE A 153 41.61 -10.23 -7.93
C PHE A 153 41.02 -8.83 -7.68
N LEU A 154 41.36 -8.22 -6.55
CA LEU A 154 40.76 -6.95 -6.13
C LEU A 154 41.02 -5.83 -7.14
N PRO A 155 42.28 -5.55 -7.57
CA PRO A 155 42.52 -4.56 -8.62
C PRO A 155 41.85 -4.87 -9.96
N LEU A 156 41.59 -6.16 -10.23
CA LEU A 156 40.96 -6.56 -11.48
C LEU A 156 39.45 -6.33 -11.46
N LEU A 157 38.86 -6.05 -10.30
CA LEU A 157 37.44 -5.76 -10.21
C LEU A 157 37.23 -4.27 -10.42
N HIS A 158 37.44 -3.81 -11.66
CA HIS A 158 37.47 -2.39 -11.98
C HIS A 158 36.06 -1.82 -12.10
N GLY A 159 35.08 -2.66 -12.47
CA GLY A 159 33.69 -2.25 -12.47
C GLY A 159 33.39 -1.14 -13.47
N ASN A 160 34.03 -1.22 -14.66
CA ASN A 160 33.95 -0.17 -15.66
C ASN A 160 32.61 -0.24 -16.40
N ASN A 161 31.98 -1.41 -16.46
CA ASN A 161 30.63 -1.55 -17.00
C ASN A 161 29.59 -1.62 -15.88
N PHE A 162 29.97 -1.34 -14.63
CA PHE A 162 29.02 -1.42 -13.53
C PHE A 162 28.30 -0.08 -13.41
N ASP A 163 27.07 -0.02 -13.91
CA ASP A 163 26.29 1.21 -13.86
C ASP A 163 25.16 1.02 -12.86
N SER A 164 25.30 1.65 -11.71
CA SER A 164 24.41 1.47 -10.57
C SER A 164 23.00 1.97 -10.89
N GLU A 165 22.90 3.01 -11.72
CA GLU A 165 21.63 3.53 -12.18
C GLU A 165 20.90 2.48 -13.03
N GLU A 166 21.61 1.87 -13.98
CA GLU A 166 21.00 0.87 -14.85
C GLU A 166 20.62 -0.39 -14.09
N TYR A 167 21.34 -0.73 -13.01
CA TYR A 167 21.00 -1.90 -12.21
C TYR A 167 19.68 -1.68 -11.46
N ALA A 168 19.49 -0.47 -10.93
CA ALA A 168 18.25 -0.14 -10.26
C ALA A 168 17.10 -0.15 -11.26
N GLU A 169 17.36 0.35 -12.49
CA GLU A 169 16.34 0.47 -13.51
C GLU A 169 15.95 -0.93 -13.99
N LEU A 170 16.96 -1.77 -14.20
CA LEU A 170 16.74 -3.15 -14.60
C LEU A 170 15.86 -3.89 -13.58
N ALA A 171 16.09 -3.67 -12.30
CA ALA A 171 15.27 -4.27 -11.24
C ALA A 171 13.82 -3.83 -11.38
N VAL A 172 13.61 -2.52 -11.65
CA VAL A 172 12.27 -1.98 -11.87
C VAL A 172 11.63 -2.64 -13.07
N GLN A 173 12.38 -2.73 -14.19
CA GLN A 173 11.88 -3.29 -15.44
C GLN A 173 11.68 -4.81 -15.34
N ALA A 174 12.32 -5.45 -14.36
CA ALA A 174 12.12 -6.87 -14.11
C ALA A 174 10.84 -7.09 -13.30
N GLY A 175 10.30 -6.03 -12.71
CA GLY A 175 9.12 -6.10 -11.87
C GLY A 175 9.48 -6.27 -10.39
N ALA A 176 10.76 -6.08 -10.04
CA ALA A 176 11.20 -6.25 -8.67
C ALA A 176 10.75 -5.06 -7.82
N LYS A 177 10.47 -5.33 -6.54
CA LYS A 177 10.11 -4.30 -5.57
C LYS A 177 11.20 -4.09 -4.53
N TYR A 178 12.23 -4.94 -4.51
CA TYR A 178 13.35 -4.73 -3.61
C TYR A 178 14.66 -5.16 -4.26
N MET A 179 15.75 -4.58 -3.72
CA MET A 179 17.09 -4.72 -4.26
C MET A 179 18.03 -4.98 -3.09
N VAL A 180 18.71 -6.13 -3.13
CA VAL A 180 19.64 -6.55 -2.09
C VAL A 180 21.02 -6.79 -2.74
N PRO A 181 21.90 -5.77 -2.85
CA PRO A 181 23.29 -6.02 -3.23
C PRO A 181 24.06 -6.78 -2.15
N PHE A 182 25.11 -7.49 -2.57
CA PHE A 182 26.02 -8.20 -1.67
C PHE A 182 26.95 -7.20 -1.00
N ALA A 183 26.41 -6.47 -0.01
CA ALA A 183 27.11 -5.36 0.62
C ALA A 183 28.44 -5.84 1.21
N ARG A 184 28.41 -6.92 2.00
CA ARG A 184 29.65 -7.52 2.47
C ARG A 184 29.52 -9.04 2.57
N HIS A 185 30.33 -9.73 1.74
CA HIS A 185 30.35 -11.19 1.66
C HIS A 185 31.46 -11.73 2.58
N HIS A 186 31.83 -13.00 2.42
CA HIS A 186 32.54 -13.74 3.47
C HIS A 186 34.03 -13.42 3.54
N ALA A 187 34.60 -12.76 2.50
CA ALA A 187 36.01 -12.36 2.53
C ALA A 187 36.18 -10.93 3.03
N GLY A 188 35.06 -10.22 3.23
CA GLY A 188 35.05 -9.02 4.06
C GLY A 188 35.12 -7.71 3.28
N TRP A 189 35.05 -7.78 1.94
CA TRP A 189 35.12 -6.59 1.11
C TRP A 189 33.78 -5.87 1.10
N THR A 190 33.78 -4.58 1.47
CA THR A 190 32.56 -3.81 1.61
C THR A 190 32.33 -2.98 0.34
N MET A 191 31.08 -3.04 -0.14
CA MET A 191 30.65 -2.26 -1.28
C MET A 191 30.58 -0.77 -0.91
N TRP A 192 30.54 -0.46 0.39
CA TRP A 192 30.55 0.91 0.85
C TRP A 192 31.92 1.29 1.42
N GLU A 193 32.18 2.61 1.43
CA GLU A 193 33.37 3.16 2.06
C GLU A 193 33.16 3.15 3.57
N SER A 194 33.95 2.33 4.27
CA SER A 194 33.79 2.09 5.70
C SER A 194 34.89 2.81 6.47
N LYS A 195 34.62 3.08 7.75
CA LYS A 195 35.61 3.60 8.69
C LYS A 195 36.20 2.47 9.53
N TYR A 196 35.80 1.22 9.23
CA TYR A 196 36.22 0.07 10.03
C TYR A 196 36.99 -0.95 9.18
N THR A 197 37.22 -0.64 7.90
CA THR A 197 38.04 -1.47 7.03
C THR A 197 38.48 -0.67 5.82
N PHE A 198 39.72 -0.91 5.38
CA PHE A 198 40.22 -0.39 4.11
C PHE A 198 39.96 -1.40 2.99
N ARG A 199 39.37 -2.55 3.32
CA ARG A 199 38.94 -3.52 2.31
C ARG A 199 37.55 -3.11 1.85
N ASN A 200 37.49 -2.02 1.07
CA ASN A 200 36.24 -1.41 0.67
C ASN A 200 36.34 -0.97 -0.78
N ALA A 201 35.18 -0.64 -1.36
CA ALA A 201 35.07 -0.46 -2.79
C ALA A 201 35.79 0.79 -3.28
N VAL A 202 35.99 1.77 -2.39
CA VAL A 202 36.71 3.00 -2.74
C VAL A 202 38.22 2.74 -2.78
N GLU A 203 38.74 1.97 -1.81
CA GLU A 203 40.17 1.69 -1.73
C GLU A 203 40.59 0.65 -2.78
N MET A 204 39.69 -0.29 -3.07
CA MET A 204 40.09 -1.49 -3.77
C MET A 204 39.04 -1.88 -4.80
N GLY A 205 39.49 -2.01 -6.06
CA GLY A 205 38.66 -2.48 -7.15
C GLY A 205 38.12 -1.34 -8.02
N PRO A 206 36.83 -0.97 -7.90
CA PRO A 206 36.25 0.04 -8.77
C PRO A 206 36.53 1.49 -8.36
N LYS A 207 37.05 1.69 -7.13
CA LYS A 207 37.45 3.00 -6.62
C LYS A 207 36.26 3.96 -6.52
N ARG A 208 35.09 3.42 -6.16
CA ARG A 208 33.89 4.21 -5.96
C ARG A 208 33.03 3.54 -4.91
N ASP A 209 32.15 4.33 -4.30
CA ASP A 209 31.26 3.82 -3.28
C ASP A 209 30.07 3.21 -4.01
N ILE A 210 30.18 1.91 -4.27
CA ILE A 210 29.19 1.19 -5.05
C ILE A 210 27.87 1.12 -4.28
N LEU A 211 27.89 0.87 -2.97
CA LEU A 211 26.64 0.74 -2.24
C LEU A 211 25.91 2.07 -2.18
N LYS A 212 26.67 3.17 -2.13
CA LYS A 212 26.08 4.49 -2.07
C LYS A 212 25.37 4.78 -3.39
N GLU A 213 26.04 4.48 -4.51
CA GLU A 213 25.43 4.65 -5.82
C GLU A 213 24.12 3.88 -5.89
N LEU A 214 24.12 2.63 -5.41
CA LEU A 214 22.99 1.73 -5.56
C LEU A 214 21.82 2.16 -4.67
N VAL A 215 22.11 2.68 -3.47
CA VAL A 215 21.04 3.05 -2.55
C VAL A 215 20.33 4.31 -3.08
N GLU A 216 21.09 5.22 -3.67
CA GLU A 216 20.55 6.46 -4.25
C GLU A 216 19.72 6.12 -5.49
N ALA A 217 20.24 5.25 -6.34
CA ALA A 217 19.52 4.80 -7.53
C ALA A 217 18.24 4.05 -7.16
N SER A 218 18.28 3.27 -6.05
CA SER A 218 17.12 2.50 -5.59
C SER A 218 16.06 3.42 -4.99
N ARG A 219 16.46 4.36 -4.13
CA ARG A 219 15.51 5.19 -3.40
C ARG A 219 14.68 6.03 -4.37
N LYS A 220 15.31 6.55 -5.42
CA LYS A 220 14.61 7.42 -6.36
C LYS A 220 13.72 6.61 -7.31
N ARG A 221 13.64 5.28 -7.13
CA ARG A 221 12.71 4.44 -7.89
C ARG A 221 11.73 3.70 -6.98
N ASP A 222 11.73 4.01 -5.68
CA ASP A 222 10.83 3.40 -4.70
C ASP A 222 11.11 1.91 -4.51
N LEU A 223 12.30 1.43 -4.91
CA LEU A 223 12.75 0.08 -4.56
C LEU A 223 13.11 0.06 -3.08
N LYS A 224 12.56 -0.90 -2.33
CA LYS A 224 13.05 -1.18 -1.00
C LYS A 224 14.49 -1.68 -1.10
N PHE A 225 15.30 -1.42 -0.06
CA PHE A 225 16.72 -1.68 -0.11
C PHE A 225 17.12 -2.63 1.02
N GLY A 226 17.84 -3.69 0.66
CA GLY A 226 18.28 -4.70 1.60
C GLY A 226 19.78 -4.66 1.82
N PHE A 227 20.18 -4.92 3.07
CA PHE A 227 21.56 -4.88 3.51
C PHE A 227 22.02 -6.31 3.73
N TYR A 228 22.80 -6.83 2.77
CA TYR A 228 23.37 -8.16 2.88
C TYR A 228 24.67 -8.09 3.67
N PHE A 229 24.73 -8.85 4.77
CA PHE A 229 25.84 -8.73 5.71
C PHE A 229 26.26 -10.11 6.20
N SER A 230 27.46 -10.53 5.79
CA SER A 230 28.06 -11.75 6.31
C SER A 230 28.49 -11.53 7.76
N ILE A 231 28.10 -12.47 8.65
CA ILE A 231 28.42 -12.40 10.06
C ILE A 231 29.88 -12.76 10.26
N ALA A 232 30.25 -14.01 9.94
CA ALA A 232 31.63 -14.45 9.97
C ALA A 232 32.33 -14.14 8.65
N GLU A 233 33.66 -14.18 8.69
CA GLU A 233 34.52 -14.12 7.53
C GLU A 233 35.44 -15.32 7.59
N TRP A 234 35.99 -15.69 6.43
CA TRP A 234 36.79 -16.90 6.34
C TRP A 234 38.07 -16.78 7.17
N GLU A 235 38.67 -15.57 7.19
CA GLU A 235 39.88 -15.30 7.96
C GLU A 235 39.82 -13.87 8.50
N TYR A 236 40.22 -13.67 9.76
CA TYR A 236 40.42 -12.32 10.26
C TYR A 236 41.67 -12.28 11.15
N PRO A 237 42.60 -11.32 10.93
CA PRO A 237 43.77 -11.16 11.82
C PRO A 237 43.36 -10.61 13.18
N VAL A 238 43.74 -11.32 14.26
CA VAL A 238 43.38 -10.93 15.61
C VAL A 238 44.64 -10.77 16.46
N ILE A 239 44.49 -9.94 17.51
CA ILE A 239 45.53 -9.66 18.48
C ILE A 239 45.34 -10.60 19.67
N THR A 240 46.43 -11.26 20.09
CA THR A 240 46.39 -12.31 21.09
C THR A 240 47.24 -11.90 22.30
N LYS A 241 47.07 -12.64 23.40
CA LYS A 241 47.82 -12.43 24.63
C LYS A 241 48.99 -13.43 24.74
N GLU A 242 49.05 -14.41 23.84
CA GLU A 242 50.14 -15.38 23.83
C GLU A 242 50.31 -15.97 22.43
N ARG A 243 51.47 -16.59 22.18
CA ARG A 243 51.77 -17.11 20.86
C ARG A 243 51.00 -18.41 20.65
N VAL A 244 50.66 -18.68 19.39
CA VAL A 244 49.92 -19.89 19.06
C VAL A 244 50.88 -21.07 19.00
N SER A 245 52.00 -20.93 18.28
CA SER A 245 53.04 -21.94 18.24
C SER A 245 54.41 -21.28 18.25
N GLN A 246 55.45 -22.09 18.49
CA GLN A 246 56.82 -21.63 18.54
C GLN A 246 57.34 -21.23 17.17
N TRP A 247 56.66 -21.63 16.09
CA TRP A 247 57.14 -21.38 14.74
C TRP A 247 56.63 -20.04 14.20
N ASP A 248 55.76 -19.36 14.96
CA ASP A 248 55.11 -18.13 14.54
C ASP A 248 56.09 -16.96 14.55
N PRO A 249 56.12 -16.10 13.52
CA PRO A 249 56.97 -14.90 13.54
C PRO A 249 56.54 -13.85 14.58
N TYR A 250 55.22 -13.75 14.84
CA TYR A 250 54.67 -12.82 15.81
C TYR A 250 53.99 -13.61 16.93
N GLU A 251 54.17 -13.12 18.16
CA GLU A 251 53.65 -13.80 19.34
C GLU A 251 52.40 -13.08 19.83
N ASP A 252 52.00 -12.01 19.12
CA ASP A 252 50.91 -11.16 19.53
C ASP A 252 49.79 -11.18 18.48
N MET A 253 49.84 -12.14 17.55
CA MET A 253 48.91 -12.09 16.43
C MET A 253 48.62 -13.50 15.93
N ALA A 254 47.39 -13.69 15.45
CA ALA A 254 46.88 -14.97 14.94
C ALA A 254 45.80 -14.70 13.89
N ILE A 255 45.26 -15.79 13.33
CA ILE A 255 44.16 -15.74 12.37
C ILE A 255 42.93 -16.38 13.03
N PHE A 256 41.81 -15.66 13.06
CA PHE A 256 40.60 -16.16 13.66
C PHE A 256 39.71 -16.83 12.59
N HIS A 257 39.17 -18.00 12.97
CA HIS A 257 38.19 -18.75 12.19
C HIS A 257 37.03 -19.17 13.10
N ASP A 258 35.83 -19.29 12.51
CA ASP A 258 34.79 -20.12 13.10
C ASP A 258 34.50 -21.28 12.13
N GLY A 259 33.34 -21.92 12.25
CA GLY A 259 33.02 -23.06 11.41
C GLY A 259 32.33 -22.68 10.09
N MET A 260 32.38 -21.41 9.68
CA MET A 260 31.57 -20.93 8.57
C MET A 260 32.04 -21.54 7.24
N GLY A 261 33.35 -21.75 7.09
CA GLY A 261 33.93 -22.24 5.84
C GLY A 261 33.62 -23.71 5.54
N LEU A 262 33.19 -24.44 6.57
CA LEU A 262 32.74 -25.82 6.48
C LEU A 262 33.93 -26.79 6.45
N ILE A 263 34.92 -26.55 5.58
CA ILE A 263 36.19 -27.27 5.61
C ILE A 263 36.82 -27.08 6.98
N PRO A 264 37.21 -28.14 7.73
CA PRO A 264 37.78 -27.95 9.07
C PRO A 264 39.05 -27.10 9.01
N ARG A 265 39.11 -26.09 9.89
CA ARG A 265 40.31 -25.31 10.12
C ARG A 265 40.62 -25.33 11.62
N PRO A 266 41.83 -24.91 12.05
CA PRO A 266 42.09 -24.75 13.49
C PRO A 266 41.11 -23.72 14.07
N VAL A 267 40.48 -24.04 15.21
CA VAL A 267 39.48 -23.17 15.82
C VAL A 267 39.77 -23.07 17.32
N PRO A 268 39.79 -21.86 17.92
CA PRO A 268 39.48 -20.61 17.23
C PRO A 268 40.63 -19.93 16.47
N LEU A 269 41.87 -20.36 16.71
CA LEU A 269 43.03 -19.63 16.21
C LEU A 269 43.94 -20.53 15.39
N ALA A 270 44.40 -19.97 14.26
CA ALA A 270 45.48 -20.50 13.46
C ALA A 270 46.69 -19.57 13.57
N SER A 271 47.89 -20.14 13.40
CA SER A 271 49.12 -19.38 13.35
C SER A 271 49.09 -18.43 12.15
N TYR A 272 49.62 -17.22 12.33
CA TYR A 272 49.65 -16.20 11.30
C TYR A 272 51.05 -16.15 10.68
N PHE A 273 51.10 -16.17 9.33
CA PHE A 273 52.32 -16.05 8.56
C PHE A 273 52.10 -15.02 7.45
N PRO A 274 52.75 -13.83 7.50
CA PRO A 274 52.54 -12.80 6.49
C PRO A 274 52.58 -13.28 5.03
N ALA A 275 53.57 -14.10 4.67
CA ALA A 275 53.74 -14.54 3.28
C ALA A 275 52.61 -15.46 2.84
N ARG A 276 51.85 -15.99 3.81
CA ARG A 276 50.70 -16.85 3.56
C ARG A 276 49.41 -16.04 3.61
N HIS A 277 49.25 -15.20 4.65
CA HIS A 277 47.94 -14.65 4.98
C HIS A 277 47.72 -13.24 4.43
N ASP A 278 48.77 -12.41 4.40
CA ASP A 278 48.59 -10.98 4.17
C ASP A 278 47.76 -10.74 2.91
N ARG A 279 48.03 -11.50 1.84
CA ARG A 279 47.40 -11.23 0.56
C ARG A 279 46.12 -12.06 0.40
N MET A 280 45.47 -12.42 1.51
CA MET A 280 44.06 -12.79 1.47
C MET A 280 43.23 -11.95 2.45
N ILE A 281 43.88 -11.01 3.17
CA ILE A 281 43.23 -10.16 4.17
C ILE A 281 43.63 -8.70 4.00
N SER A 282 44.10 -8.32 2.80
CA SER A 282 44.43 -6.92 2.50
C SER A 282 43.33 -6.01 3.00
N GLY A 283 43.70 -4.98 3.78
CA GLY A 283 42.79 -3.91 4.13
C GLY A 283 42.15 -4.06 5.50
N LYS A 284 42.26 -5.27 6.08
CA LYS A 284 41.55 -5.59 7.31
C LYS A 284 42.44 -5.21 8.50
N ILE A 285 41.86 -4.41 9.42
CA ILE A 285 42.56 -3.88 10.59
C ILE A 285 42.41 -4.87 11.75
N PRO A 286 43.51 -5.45 12.29
CA PRO A 286 43.41 -6.39 13.41
C PRO A 286 42.71 -5.88 14.66
N VAL A 287 42.01 -6.78 15.36
CA VAL A 287 41.31 -6.48 16.60
C VAL A 287 41.49 -7.64 17.59
N LYS A 288 41.22 -7.39 18.88
CA LYS A 288 41.24 -8.45 19.87
C LYS A 288 40.00 -9.32 19.75
N ASP A 289 38.87 -8.71 19.39
CA ASP A 289 37.57 -9.38 19.40
C ASP A 289 36.88 -9.14 18.07
N TYR A 290 36.87 -10.15 17.18
CA TYR A 290 36.30 -10.05 15.85
C TYR A 290 34.86 -9.50 15.90
N PHE A 291 34.05 -10.02 16.82
CA PHE A 291 32.64 -9.70 16.87
C PHE A 291 32.42 -8.28 17.43
N GLY A 292 32.95 -8.05 18.62
CA GLY A 292 32.71 -6.80 19.35
C GLY A 292 33.42 -5.61 18.71
N ASP A 293 34.66 -5.82 18.24
CA ASP A 293 35.53 -4.72 17.87
C ASP A 293 35.42 -4.37 16.38
N TYR A 294 34.80 -5.25 15.57
CA TYR A 294 34.82 -5.10 14.12
C TYR A 294 33.41 -5.31 13.55
N MET A 295 32.81 -6.48 13.81
CA MET A 295 31.62 -6.86 13.08
C MET A 295 30.44 -5.99 13.51
N MET A 296 30.24 -5.87 14.84
CA MET A 296 29.14 -5.13 15.41
C MET A 296 29.16 -3.68 14.93
N PRO A 297 30.28 -2.93 15.08
CA PRO A 297 30.34 -1.56 14.56
C PRO A 297 30.28 -1.40 13.04
N LEU A 298 30.69 -2.43 12.30
CA LEU A 298 30.60 -2.38 10.84
C LEU A 298 29.14 -2.52 10.41
N PHE A 299 28.40 -3.40 11.09
CA PHE A 299 26.97 -3.57 10.85
C PHE A 299 26.25 -2.25 11.13
N LYS A 300 26.50 -1.71 12.32
CA LYS A 300 25.93 -0.44 12.75
C LYS A 300 26.18 0.64 11.71
N GLU A 301 27.42 0.74 11.23
CA GLU A 301 27.78 1.74 10.24
C GLU A 301 26.91 1.61 8.99
N GLY A 302 26.75 0.37 8.48
CA GLY A 302 25.95 0.14 7.29
C GLY A 302 24.49 0.55 7.48
N VAL A 303 23.90 0.13 8.60
CA VAL A 303 22.52 0.47 8.95
C VAL A 303 22.36 2.00 9.05
N ASP A 304 23.28 2.65 9.79
CA ASP A 304 23.17 4.09 10.06
C ASP A 304 23.30 4.88 8.75
N LEU A 305 24.27 4.51 7.92
CA LEU A 305 24.55 5.23 6.68
C LEU A 305 23.43 5.03 5.65
N PHE A 306 22.91 3.81 5.53
CA PHE A 306 22.10 3.46 4.36
C PHE A 306 20.62 3.32 4.70
N ASP A 307 20.28 3.19 5.98
CA ASP A 307 18.90 3.13 6.42
C ASP A 307 18.17 2.05 5.61
N PRO A 308 18.67 0.80 5.60
CA PRO A 308 18.04 -0.26 4.80
C PRO A 308 16.67 -0.65 5.36
N ASP A 309 15.81 -1.14 4.46
CA ASP A 309 14.48 -1.61 4.79
C ASP A 309 14.52 -3.06 5.24
N LEU A 310 15.63 -3.74 4.94
CA LEU A 310 15.75 -5.16 5.14
C LEU A 310 17.20 -5.49 5.49
N VAL A 311 17.36 -6.41 6.44
CA VAL A 311 18.68 -6.95 6.74
C VAL A 311 18.69 -8.43 6.36
N TRP A 312 19.68 -8.77 5.51
CA TRP A 312 19.88 -10.13 5.03
C TRP A 312 21.20 -10.65 5.58
N TYR A 313 21.12 -11.31 6.74
CA TYR A 313 22.29 -11.92 7.34
C TYR A 313 22.72 -13.10 6.48
N ASP A 314 24.01 -13.46 6.56
CA ASP A 314 24.52 -14.71 6.02
C ASP A 314 25.76 -15.09 6.83
N GLY A 315 26.24 -16.32 6.65
CA GLY A 315 27.52 -16.73 7.20
C GLY A 315 27.53 -16.81 8.73
N GLY A 316 26.38 -17.19 9.31
CA GLY A 316 26.25 -17.23 10.76
C GLY A 316 26.11 -18.64 11.30
N TRP A 317 26.26 -19.66 10.44
CA TRP A 317 26.18 -21.06 10.85
C TRP A 317 27.48 -21.51 11.52
N GLY A 318 28.53 -20.67 11.53
CA GLY A 318 29.81 -21.06 12.11
C GLY A 318 29.93 -20.72 13.60
N THR A 319 29.05 -19.85 14.08
CA THR A 319 29.05 -19.40 15.47
C THR A 319 27.60 -19.24 15.90
N PRO A 320 27.18 -19.72 17.09
CA PRO A 320 25.81 -19.47 17.55
C PRO A 320 25.53 -17.97 17.67
N ALA A 321 24.27 -17.58 17.45
CA ALA A 321 23.88 -16.18 17.47
C ALA A 321 24.15 -15.55 18.84
N ASN A 322 24.05 -16.39 19.88
CA ASN A 322 24.36 -16.01 21.26
C ASN A 322 25.79 -15.46 21.36
N SER A 323 26.75 -16.15 20.73
CA SER A 323 28.16 -15.82 20.89
C SER A 323 28.60 -14.71 19.93
N SER A 324 27.97 -14.61 18.75
CA SER A 324 28.32 -13.60 17.76
C SER A 324 27.71 -12.24 18.11
N ARG A 325 26.66 -12.24 18.95
CA ARG A 325 26.01 -11.04 19.46
C ARG A 325 25.09 -10.39 18.41
N VAL A 326 24.63 -11.18 17.43
CA VAL A 326 23.74 -10.70 16.39
C VAL A 326 22.38 -10.29 16.99
N PRO A 327 21.83 -10.96 18.04
CA PRO A 327 20.58 -10.50 18.64
C PRO A 327 20.55 -9.02 19.01
N GLU A 328 21.71 -8.48 19.40
CA GLU A 328 21.86 -7.07 19.76
C GLU A 328 21.80 -6.21 18.50
N LEU A 329 22.30 -6.76 17.38
CA LEU A 329 22.28 -6.05 16.10
C LEU A 329 20.85 -6.03 15.55
N SER A 330 20.13 -7.14 15.77
CA SER A 330 18.75 -7.26 15.32
C SER A 330 17.85 -6.28 16.10
N ALA A 331 18.00 -6.24 17.42
CA ALA A 331 17.27 -5.31 18.24
C ALA A 331 17.60 -3.87 17.84
N TYR A 332 18.89 -3.58 17.63
CA TYR A 332 19.30 -2.25 17.20
C TYR A 332 18.59 -1.84 15.92
N PHE A 333 18.58 -2.74 14.93
CA PHE A 333 18.06 -2.44 13.60
C PHE A 333 16.57 -2.12 13.70
N TYR A 334 15.82 -3.00 14.39
CA TYR A 334 14.42 -2.73 14.70
C TYR A 334 14.28 -1.37 15.39
N ASN A 335 15.06 -1.13 16.46
CA ASN A 335 14.84 0.03 17.31
C ASN A 335 15.14 1.34 16.59
N GLN A 336 16.17 1.40 15.74
CA GLN A 336 16.52 2.65 15.07
C GLN A 336 15.52 2.95 13.94
N ALA A 337 14.60 2.00 13.66
CA ALA A 337 13.62 2.18 12.60
C ALA A 337 12.24 2.52 13.17
N GLU A 338 12.00 2.22 14.46
CA GLU A 338 10.71 2.45 15.11
C GLU A 338 10.28 3.91 14.94
N GLY A 339 9.05 4.10 14.43
CA GLY A 339 8.49 5.41 14.16
C GLY A 339 8.93 6.02 12.82
N ARG A 340 9.80 5.35 12.05
CA ARG A 340 10.31 5.90 10.80
C ARG A 340 9.86 5.05 9.60
N LYS A 341 10.02 3.73 9.71
CA LYS A 341 9.69 2.80 8.62
C LYS A 341 9.52 1.40 9.20
N GLU A 342 8.84 0.53 8.46
CA GLU A 342 8.73 -0.88 8.79
C GLU A 342 9.85 -1.65 8.08
N VAL A 343 10.52 -2.53 8.84
CA VAL A 343 11.72 -3.22 8.38
C VAL A 343 11.59 -4.70 8.68
N VAL A 344 12.50 -5.49 8.08
CA VAL A 344 12.42 -6.94 8.16
C VAL A 344 13.83 -7.52 8.17
N ILE A 345 13.98 -8.69 8.80
CA ILE A 345 15.24 -9.43 8.85
C ILE A 345 14.98 -10.87 8.45
N ASN A 346 15.92 -11.48 7.71
CA ASN A 346 15.88 -12.91 7.43
C ASN A 346 16.24 -13.70 8.70
N ASN A 347 16.40 -15.03 8.53
CA ASN A 347 16.52 -15.95 9.66
C ASN A 347 17.96 -16.45 9.86
N ARG A 348 18.95 -15.78 9.24
CA ARG A 348 20.30 -16.33 9.11
C ARG A 348 21.27 -15.79 10.15
N ALA A 349 20.74 -15.33 11.31
CA ALA A 349 21.57 -14.84 12.39
C ALA A 349 22.43 -15.96 12.99
N GLY A 350 21.98 -17.21 12.82
CA GLY A 350 22.68 -18.35 13.38
C GLY A 350 21.78 -19.11 14.37
N ALA A 351 22.27 -20.24 14.85
CA ALA A 351 21.57 -21.03 15.86
C ALA A 351 21.41 -20.22 17.15
N TYR A 352 20.16 -20.17 17.65
CA TYR A 352 19.86 -19.54 18.92
C TYR A 352 19.68 -20.62 19.98
N LEU A 353 20.61 -20.64 20.95
CA LEU A 353 20.67 -21.68 21.97
C LEU A 353 20.41 -21.05 23.34
N ASP A 354 20.47 -21.87 24.40
CA ASP A 354 20.53 -21.37 25.77
C ASP A 354 21.50 -22.19 26.64
N ASP A 355 22.52 -22.80 26.02
CA ASP A 355 23.64 -23.43 26.73
C ASP A 355 24.60 -22.34 27.22
N LYS A 379 18.53 -28.64 15.72
CA LYS A 379 18.23 -28.85 17.16
C LYS A 379 17.98 -27.53 17.88
N ALA A 380 18.66 -26.47 17.39
CA ALA A 380 18.53 -25.13 17.95
C ALA A 380 17.36 -24.42 17.31
N GLU A 381 17.04 -23.24 17.86
CA GLU A 381 16.00 -22.39 17.31
C GLU A 381 16.64 -21.31 16.45
N GLN A 382 15.80 -20.41 15.95
CA GLN A 382 16.24 -19.32 15.10
C GLN A 382 15.60 -18.01 15.56
N ILE A 383 16.18 -16.91 15.09
CA ILE A 383 15.57 -15.60 15.15
C ILE A 383 15.54 -15.04 13.73
N GLY A 384 14.62 -14.10 13.50
CA GLY A 384 14.44 -13.48 12.19
C GLY A 384 13.00 -13.63 11.75
N ASP A 385 12.63 -12.95 10.66
CA ASP A 385 11.24 -12.76 10.30
C ASP A 385 10.77 -13.79 9.28
N TYR A 386 11.69 -14.35 8.49
CA TYR A 386 11.30 -15.28 7.44
C TYR A 386 12.42 -16.26 7.09
N LEU A 387 12.03 -17.45 6.61
CA LEU A 387 12.93 -18.50 6.17
C LEU A 387 13.51 -18.17 4.79
N THR A 388 14.71 -18.70 4.54
CA THR A 388 15.45 -18.41 3.32
C THR A 388 15.96 -19.70 2.69
N PRO A 389 15.08 -20.62 2.24
CA PRO A 389 15.53 -21.78 1.48
C PRO A 389 16.39 -21.32 0.29
N GLU A 390 17.47 -22.06 0.01
CA GLU A 390 18.49 -21.62 -0.93
C GLU A 390 18.54 -22.57 -2.13
N TYR A 391 18.40 -21.99 -3.33
CA TYR A 391 18.41 -22.70 -4.60
C TYR A 391 17.19 -23.60 -4.76
N SER A 392 17.09 -24.60 -3.87
CA SER A 392 15.99 -25.54 -3.90
C SER A 392 14.95 -25.09 -2.88
N ILE A 393 13.69 -25.08 -3.31
CA ILE A 393 12.57 -24.57 -2.51
C ILE A 393 12.34 -25.48 -1.31
N GLY A 394 12.34 -26.80 -1.53
CA GLY A 394 12.17 -27.76 -0.45
C GLY A 394 10.73 -27.79 0.04
N ASN A 395 10.54 -28.30 1.27
CA ASN A 395 9.23 -28.30 1.92
C ASN A 395 9.01 -26.99 2.67
N VAL A 396 8.11 -26.15 2.15
CA VAL A 396 7.88 -24.82 2.69
C VAL A 396 6.62 -24.85 3.55
N ASP A 397 6.60 -24.02 4.60
CA ASP A 397 5.38 -23.78 5.35
C ASP A 397 4.64 -22.63 4.68
N ILE A 398 3.50 -22.97 4.05
CA ILE A 398 2.71 -22.05 3.26
C ILE A 398 2.05 -20.99 4.14
N ASN A 399 2.00 -21.22 5.46
CA ASN A 399 1.31 -20.34 6.40
C ASN A 399 2.12 -19.08 6.71
N GLU A 400 3.46 -19.16 6.59
CA GLU A 400 4.31 -18.02 6.87
C GLU A 400 5.08 -17.62 5.62
N PRO A 401 5.18 -16.30 5.33
CA PRO A 401 5.96 -15.85 4.19
C PRO A 401 7.43 -16.26 4.31
N TRP A 402 7.98 -16.70 3.17
CA TRP A 402 9.34 -17.18 3.07
C TRP A 402 9.92 -16.63 1.78
N GLU A 403 11.21 -16.90 1.55
CA GLU A 403 11.91 -16.34 0.41
C GLU A 403 12.94 -17.35 -0.07
N VAL A 404 12.90 -17.68 -1.36
CA VAL A 404 13.91 -18.53 -1.97
C VAL A 404 14.85 -17.64 -2.77
N CYS A 405 16.16 -17.92 -2.67
CA CYS A 405 17.17 -17.20 -3.44
C CYS A 405 17.82 -18.16 -4.44
N ARG A 406 17.96 -17.69 -5.67
CA ARG A 406 18.67 -18.41 -6.73
C ARG A 406 18.73 -17.53 -7.98
N SER A 407 19.67 -17.88 -8.88
CA SER A 407 19.77 -17.22 -10.17
C SER A 407 19.04 -18.04 -11.23
N ILE A 408 19.17 -17.64 -12.50
CA ILE A 408 18.54 -18.37 -13.60
C ILE A 408 19.32 -19.65 -13.91
N SER A 409 20.49 -19.82 -13.28
CA SER A 409 21.28 -21.05 -13.38
C SER A 409 21.54 -21.61 -11.99
N PRO A 410 22.33 -22.70 -11.84
CA PRO A 410 22.75 -23.15 -10.50
C PRO A 410 23.63 -22.16 -9.74
N ALA A 411 24.18 -21.17 -10.46
CA ALA A 411 25.29 -20.35 -9.98
C ALA A 411 24.83 -19.26 -9.02
N PHE A 412 25.53 -19.21 -7.88
CA PHE A 412 25.62 -18.03 -7.06
C PHE A 412 26.98 -17.39 -7.34
N GLY A 413 26.96 -16.28 -8.08
CA GLY A 413 28.17 -15.68 -8.60
C GLY A 413 28.35 -16.03 -10.07
N PHE A 414 28.92 -15.07 -10.83
CA PHE A 414 29.19 -15.25 -12.25
C PHE A 414 29.94 -16.55 -12.50
N ASN A 415 29.43 -17.35 -13.44
CA ASN A 415 30.14 -18.47 -14.03
C ASN A 415 30.24 -18.19 -15.54
N TRP A 416 31.47 -18.01 -16.03
CA TRP A 416 31.67 -17.56 -17.40
C TRP A 416 31.21 -18.62 -18.40
N THR A 417 31.08 -19.89 -17.97
CA THR A 417 30.66 -20.98 -18.84
C THR A 417 29.12 -21.08 -18.90
N ASP A 418 28.39 -20.35 -18.05
CA ASP A 418 26.94 -20.35 -18.11
C ASP A 418 26.48 -19.74 -19.44
N ASN A 419 25.36 -20.24 -19.97
CA ASN A 419 24.81 -19.75 -21.23
C ASN A 419 23.32 -20.11 -21.27
N GLU A 420 22.69 -19.93 -22.44
CA GLU A 420 21.26 -20.19 -22.59
C GLU A 420 20.89 -21.61 -22.19
N GLU A 421 21.74 -22.59 -22.52
CA GLU A 421 21.36 -23.99 -22.47
C GLU A 421 21.36 -24.54 -21.05
N ASN A 422 22.05 -23.88 -20.11
CA ASN A 422 22.09 -24.38 -18.75
C ASN A 422 21.36 -23.41 -17.80
N SER A 423 20.72 -22.39 -18.38
CA SER A 423 19.92 -21.42 -17.64
C SER A 423 18.43 -21.68 -17.89
N LEU A 424 17.59 -21.28 -16.92
CA LEU A 424 16.15 -21.26 -17.11
C LEU A 424 15.81 -20.45 -18.37
N SER A 425 14.88 -20.96 -19.16
CA SER A 425 14.17 -20.18 -20.16
C SER A 425 13.23 -19.17 -19.48
N SER A 426 12.79 -18.15 -20.23
CA SER A 426 11.85 -17.17 -19.72
C SER A 426 10.55 -17.85 -19.28
N LYS A 427 10.12 -18.85 -20.05
CA LYS A 427 8.93 -19.62 -19.72
C LYS A 427 9.08 -20.34 -18.39
N GLU A 428 10.24 -20.99 -18.18
CA GLU A 428 10.48 -21.76 -16.96
C GLU A 428 10.57 -20.82 -15.74
N LEU A 429 11.12 -19.62 -15.96
CA LEU A 429 11.32 -18.65 -14.89
C LEU A 429 9.96 -18.13 -14.40
N VAL A 430 9.09 -17.76 -15.35
CA VAL A 430 7.73 -17.30 -15.05
C VAL A 430 7.00 -18.38 -14.25
N LYS A 431 7.05 -19.62 -14.78
CA LYS A 431 6.37 -20.73 -14.16
C LYS A 431 6.87 -20.94 -12.73
N MET A 432 8.20 -20.87 -12.56
CA MET A 432 8.81 -21.09 -11.26
C MET A 432 8.39 -19.98 -10.29
N PHE A 433 8.36 -18.75 -10.78
CA PHE A 433 8.03 -17.59 -9.97
C PHE A 433 6.60 -17.68 -9.43
N VAL A 434 5.67 -18.02 -10.32
CA VAL A 434 4.24 -18.04 -9.97
C VAL A 434 4.02 -19.12 -8.91
N GLY A 435 4.69 -20.27 -9.08
CA GLY A 435 4.62 -21.35 -8.11
C GLY A 435 5.10 -20.90 -6.73
N ILE A 436 6.17 -20.09 -6.72
CA ILE A 436 6.69 -19.53 -5.48
C ILE A 436 5.64 -18.63 -4.83
N VAL A 437 5.08 -17.72 -5.63
CA VAL A 437 4.17 -16.72 -5.11
C VAL A 437 2.90 -17.38 -4.57
N ALA A 438 2.39 -18.38 -5.30
CA ALA A 438 1.15 -19.07 -4.92
C ALA A 438 1.31 -19.80 -3.58
N ASN A 439 2.55 -20.13 -3.21
CA ASN A 439 2.84 -20.86 -1.98
C ASN A 439 3.38 -19.93 -0.88
N ASN A 440 3.15 -18.62 -1.04
CA ASN A 440 3.37 -17.62 0.01
C ASN A 440 4.82 -17.18 0.03
N GLY A 441 5.56 -17.44 -1.05
CA GLY A 441 6.97 -17.12 -1.11
C GLY A 441 7.25 -15.86 -1.91
N ASN A 442 8.40 -15.25 -1.65
CA ASN A 442 9.02 -14.29 -2.55
C ASN A 442 10.20 -14.97 -3.23
N LEU A 443 10.54 -14.49 -4.43
CA LEU A 443 11.75 -14.89 -5.11
C LEU A 443 12.75 -13.75 -5.01
N LEU A 444 13.90 -14.05 -4.39
CA LEU A 444 15.04 -13.17 -4.39
C LEU A 444 15.97 -13.65 -5.50
N LEU A 445 15.76 -13.06 -6.68
CA LEU A 445 16.40 -13.51 -7.90
C LEU A 445 17.82 -12.96 -7.97
N VAL A 446 18.80 -13.88 -7.88
CA VAL A 446 20.22 -13.56 -7.98
C VAL A 446 20.56 -13.20 -9.43
N ILE A 447 21.30 -12.11 -9.60
CA ILE A 447 21.92 -11.77 -10.88
C ILE A 447 23.43 -11.66 -10.69
N ASN A 448 24.17 -12.03 -11.73
CA ASN A 448 25.56 -12.45 -11.63
C ASN A 448 26.40 -11.72 -12.67
N PRO A 449 26.83 -10.46 -12.40
CA PRO A 449 27.71 -9.73 -13.31
C PRO A 449 29.16 -10.24 -13.30
N ASP A 450 29.87 -9.99 -14.40
CA ASP A 450 31.28 -10.36 -14.52
C ASP A 450 32.14 -9.33 -13.79
N GLY A 451 33.46 -9.48 -13.90
CA GLY A 451 34.40 -8.62 -13.20
C GLY A 451 34.38 -7.15 -13.64
N SER A 452 33.86 -6.88 -14.84
CA SER A 452 33.68 -5.51 -15.31
C SER A 452 32.36 -4.91 -14.80
N GLY A 453 31.50 -5.75 -14.21
CA GLY A 453 30.21 -5.30 -13.70
C GLY A 453 29.08 -5.44 -14.73
N LYS A 454 29.37 -6.10 -15.85
CA LYS A 454 28.41 -6.26 -16.92
C LYS A 454 27.60 -7.52 -16.69
N LEU A 455 26.29 -7.44 -16.93
CA LEU A 455 25.39 -8.58 -16.83
C LEU A 455 25.20 -9.19 -18.21
N SER A 456 25.21 -10.52 -18.29
CA SER A 456 25.04 -11.22 -19.56
C SER A 456 23.66 -10.95 -20.14
N ASN A 457 23.57 -11.06 -21.48
CA ASN A 457 22.32 -10.81 -22.19
C ASN A 457 21.28 -11.84 -21.78
N VAL A 458 21.71 -13.09 -21.62
CA VAL A 458 20.82 -14.16 -21.20
C VAL A 458 20.11 -13.77 -19.91
N GLN A 459 20.84 -13.18 -18.96
CA GLN A 459 20.27 -12.79 -17.67
C GLN A 459 19.36 -11.57 -17.85
N LYS A 460 19.81 -10.59 -18.63
CA LYS A 460 19.01 -9.40 -18.91
C LYS A 460 17.67 -9.76 -19.55
N ASP A 461 17.71 -10.66 -20.54
CA ASP A 461 16.52 -11.03 -21.31
C ASP A 461 15.51 -11.75 -20.43
N ARG A 462 15.98 -12.63 -19.54
CA ARG A 462 15.09 -13.33 -18.63
C ARG A 462 14.38 -12.34 -17.71
N LEU A 463 15.14 -11.36 -17.18
CA LEU A 463 14.59 -10.35 -16.28
C LEU A 463 13.56 -9.49 -17.00
N LEU A 464 13.87 -9.05 -18.23
CA LEU A 464 12.97 -8.19 -18.98
C LEU A 464 11.71 -8.97 -19.40
N ASP A 465 11.84 -10.27 -19.69
CA ASP A 465 10.67 -11.06 -20.06
C ASP A 465 9.77 -11.24 -18.83
N LEU A 466 10.37 -11.51 -17.67
CA LEU A 466 9.60 -11.65 -16.43
C LEU A 466 8.87 -10.35 -16.12
N GLY A 467 9.59 -9.23 -16.27
CA GLY A 467 9.02 -7.93 -15.96
C GLY A 467 7.87 -7.55 -16.89
N GLN A 468 7.98 -7.98 -18.16
CA GLN A 468 6.97 -7.70 -19.16
C GLN A 468 5.74 -8.56 -18.90
N TRP A 469 5.95 -9.80 -18.43
CA TRP A 469 4.85 -10.64 -17.98
C TRP A 469 4.18 -10.04 -16.75
N LEU A 470 4.97 -9.50 -15.82
CA LEU A 470 4.46 -8.89 -14.60
C LEU A 470 3.75 -7.56 -14.88
N LYS A 471 4.18 -6.86 -15.93
CA LYS A 471 3.53 -5.60 -16.30
C LYS A 471 2.06 -5.87 -16.62
N VAL A 472 1.78 -6.99 -17.27
CA VAL A 472 0.42 -7.35 -17.65
C VAL A 472 -0.30 -7.97 -16.45
N ASN A 473 0.35 -8.92 -15.77
CA ASN A 473 -0.35 -9.85 -14.87
C ASN A 473 -0.06 -9.53 -13.41
N GLY A 474 0.66 -8.44 -13.15
CA GLY A 474 1.18 -8.12 -11.82
C GLY A 474 0.08 -7.96 -10.77
N GLU A 475 -1.12 -7.55 -11.18
CA GLU A 475 -2.24 -7.44 -10.25
C GLU A 475 -2.53 -8.80 -9.59
N GLY A 476 -2.28 -9.89 -10.31
CA GLY A 476 -2.44 -11.23 -9.76
C GLY A 476 -1.23 -11.73 -8.97
N ILE A 477 -0.28 -10.84 -8.66
CA ILE A 477 0.97 -11.20 -8.02
C ILE A 477 1.21 -10.28 -6.81
N TYR A 478 1.44 -8.99 -7.10
CA TYR A 478 1.71 -8.02 -6.04
C TYR A 478 0.52 -7.96 -5.08
N SER A 479 0.82 -7.89 -3.77
CA SER A 479 -0.19 -7.71 -2.74
C SER A 479 -1.19 -8.85 -2.71
N THR A 480 -0.80 -10.04 -3.18
CA THR A 480 -1.66 -11.21 -3.11
C THR A 480 -1.24 -12.11 -1.96
N ARG A 481 -2.11 -13.08 -1.64
CA ARG A 481 -1.88 -14.07 -0.62
C ARG A 481 -2.27 -15.44 -1.20
N PRO A 482 -1.89 -16.56 -0.57
CA PRO A 482 -2.32 -17.88 -1.05
C PRO A 482 -3.83 -18.02 -0.94
N TRP A 483 -4.40 -18.82 -1.87
CA TRP A 483 -5.80 -19.22 -1.80
C TRP A 483 -5.86 -20.65 -1.27
N GLU A 484 -7.06 -21.17 -1.00
CA GLU A 484 -7.24 -22.51 -0.45
C GLU A 484 -6.71 -23.56 -1.43
N ILE A 485 -6.60 -23.22 -2.72
CA ILE A 485 -5.86 -24.00 -3.71
C ILE A 485 -4.70 -23.14 -4.21
N GLN A 486 -3.53 -23.77 -4.39
CA GLN A 486 -2.34 -23.08 -4.86
C GLN A 486 -2.02 -23.47 -6.29
N GLU A 487 -1.95 -24.78 -6.54
CA GLU A 487 -1.64 -25.35 -7.85
C GLU A 487 -2.61 -26.49 -8.13
N SER A 488 -3.18 -26.51 -9.33
CA SER A 488 -4.07 -27.57 -9.75
C SER A 488 -4.11 -27.64 -11.28
N GLU A 489 -3.69 -28.78 -11.82
CA GLU A 489 -3.75 -29.07 -13.26
C GLU A 489 -2.82 -28.11 -14.02
N GLY A 490 -1.71 -27.70 -13.39
CA GLY A 490 -0.75 -26.79 -13.99
C GLY A 490 -1.17 -25.30 -13.96
N ASN A 491 -2.31 -25.00 -13.30
CA ASN A 491 -2.79 -23.64 -13.11
C ASN A 491 -2.48 -23.20 -11.68
N PHE A 492 -2.15 -21.92 -11.51
CA PHE A 492 -1.75 -21.38 -10.21
C PHE A 492 -2.74 -20.32 -9.74
N PHE A 493 -3.01 -20.29 -8.43
CA PHE A 493 -4.02 -19.42 -7.83
C PHE A 493 -3.38 -18.49 -6.79
N THR A 494 -3.86 -17.24 -6.79
CA THR A 494 -3.61 -16.28 -5.72
C THR A 494 -4.93 -15.58 -5.40
N LYS A 495 -4.98 -14.87 -4.27
CA LYS A 495 -6.10 -14.00 -3.98
C LYS A 495 -5.57 -12.64 -3.55
N SER A 496 -6.32 -11.58 -3.83
CA SER A 496 -6.02 -10.25 -3.30
C SER A 496 -6.08 -10.35 -1.76
N LYS A 497 -5.28 -9.54 -1.08
CA LYS A 497 -5.10 -9.69 0.36
C LYS A 497 -6.42 -9.44 1.10
N ASN A 498 -7.32 -8.65 0.50
CA ASN A 498 -8.63 -8.35 1.08
C ASN A 498 -9.65 -9.44 0.76
N GLY A 499 -9.38 -10.31 -0.22
CA GLY A 499 -10.21 -11.49 -0.47
C GLY A 499 -11.32 -11.24 -1.50
N GLU A 500 -11.31 -10.08 -2.16
CA GLU A 500 -12.33 -9.71 -3.13
C GLU A 500 -12.13 -10.43 -4.45
N PHE A 501 -10.87 -10.72 -4.79
CA PHE A 501 -10.52 -11.24 -6.11
C PHE A 501 -9.68 -12.51 -5.95
N ILE A 502 -9.95 -13.49 -6.83
CA ILE A 502 -9.10 -14.65 -7.02
C ILE A 502 -8.47 -14.51 -8.41
N TYR A 503 -7.16 -14.79 -8.50
CA TYR A 503 -6.46 -14.77 -9.77
C TYR A 503 -6.01 -16.18 -10.14
N ILE A 504 -6.11 -16.50 -11.43
CA ILE A 504 -5.76 -17.82 -11.92
C ILE A 504 -4.79 -17.64 -13.08
N HIS A 505 -3.54 -18.06 -12.85
CA HIS A 505 -2.49 -17.91 -13.85
C HIS A 505 -2.47 -19.17 -14.71
N ILE A 506 -2.62 -18.94 -16.02
CA ILE A 506 -2.66 -19.99 -17.03
C ILE A 506 -1.40 -19.86 -17.86
N LEU A 507 -0.58 -20.92 -17.89
CA LEU A 507 0.74 -20.86 -18.49
C LEU A 507 0.83 -21.74 -19.74
N ASP A 508 -0.13 -22.65 -19.94
CA ASP A 508 -0.06 -23.64 -21.00
C ASP A 508 -1.13 -23.37 -22.05
N LYS A 509 -0.72 -23.33 -23.32
CA LYS A 509 -1.62 -23.02 -24.43
C LYS A 509 -2.53 -24.20 -24.75
N GLU A 510 -2.17 -25.40 -24.28
CA GLU A 510 -3.03 -26.58 -24.35
C GLU A 510 -4.04 -26.55 -23.21
N LYS A 511 -5.00 -25.63 -23.28
CA LYS A 511 -6.06 -25.54 -22.28
C LYS A 511 -7.28 -24.91 -22.93
N THR A 512 -8.45 -25.43 -22.55
CA THR A 512 -9.71 -25.02 -23.13
C THR A 512 -10.73 -24.82 -22.00
N THR A 513 -10.69 -25.68 -20.98
CA THR A 513 -11.55 -25.57 -19.82
C THR A 513 -10.69 -25.50 -18.55
N ILE A 514 -11.15 -24.73 -17.56
CA ILE A 514 -10.56 -24.69 -16.24
C ILE A 514 -11.68 -24.99 -15.25
N GLU A 515 -11.50 -26.05 -14.45
CA GLU A 515 -12.49 -26.45 -13.48
C GLU A 515 -11.95 -26.14 -12.09
N VAL A 516 -12.67 -25.28 -11.35
CA VAL A 516 -12.18 -24.76 -10.09
C VAL A 516 -13.22 -25.04 -9.01
N PRO A 517 -12.96 -25.98 -8.07
CA PRO A 517 -13.85 -26.19 -6.93
C PRO A 517 -13.90 -25.01 -5.93
N ASN A 518 -15.13 -24.58 -5.61
CA ASN A 518 -15.42 -23.62 -4.54
C ASN A 518 -14.86 -22.23 -4.87
N LEU A 519 -14.73 -21.92 -6.17
CA LEU A 519 -14.65 -20.57 -6.66
C LEU A 519 -16.08 -20.11 -6.85
N ASN A 520 -16.50 -19.13 -6.05
CA ASN A 520 -17.88 -18.68 -6.06
C ASN A 520 -17.88 -17.30 -6.69
N PRO A 521 -17.94 -17.15 -8.03
CA PRO A 521 -17.96 -15.83 -8.65
C PRO A 521 -19.19 -15.02 -8.25
N LYS A 522 -19.01 -13.69 -8.19
CA LYS A 522 -19.99 -12.73 -7.69
C LYS A 522 -21.25 -12.76 -8.56
N ASN A 523 -21.06 -12.76 -9.88
CA ASN A 523 -22.13 -12.67 -10.85
C ASN A 523 -21.59 -13.19 -12.19
N LYS A 524 -22.43 -13.14 -13.23
CA LYS A 524 -22.11 -13.76 -14.51
C LYS A 524 -21.02 -13.00 -15.25
N GLY A 525 -20.75 -11.75 -14.84
CA GLY A 525 -19.70 -10.95 -15.44
C GLY A 525 -18.48 -10.81 -14.54
N ALA A 526 -18.33 -11.69 -13.54
CA ALA A 526 -17.32 -11.52 -12.50
C ALA A 526 -15.93 -11.98 -12.95
N ILE A 527 -15.81 -12.61 -14.14
CA ILE A 527 -14.54 -13.12 -14.59
C ILE A 527 -14.04 -12.35 -15.80
N SER A 528 -12.75 -11.96 -15.74
CA SER A 528 -12.10 -11.25 -16.83
C SER A 528 -10.67 -11.78 -17.00
N ILE A 529 -9.96 -11.26 -18.00
CA ILE A 529 -8.57 -11.59 -18.27
C ILE A 529 -7.76 -10.30 -18.19
N LEU A 530 -6.71 -10.31 -17.36
CA LEU A 530 -5.86 -9.15 -17.18
C LEU A 530 -5.24 -8.77 -18.53
N GLY A 531 -5.36 -7.48 -18.88
CA GLY A 531 -4.77 -6.92 -20.09
C GLY A 531 -5.59 -7.21 -21.35
N SER A 532 -6.84 -7.64 -21.20
CA SER A 532 -7.66 -8.03 -22.34
C SER A 532 -9.12 -7.67 -22.12
N LYS A 533 -9.80 -7.37 -23.23
CA LYS A 533 -11.22 -7.06 -23.22
C LYS A 533 -12.04 -8.28 -23.62
N GLU A 534 -11.37 -9.39 -23.92
CA GLU A 534 -12.05 -10.59 -24.37
C GLU A 534 -12.95 -11.11 -23.25
N LYS A 535 -14.20 -11.43 -23.59
CA LYS A 535 -15.20 -11.84 -22.62
C LYS A 535 -14.94 -13.29 -22.24
N VAL A 536 -15.08 -13.61 -20.94
CA VAL A 536 -14.86 -14.95 -20.45
C VAL A 536 -16.21 -15.53 -20.03
N LEU A 537 -16.59 -16.62 -20.71
CA LEU A 537 -17.83 -17.33 -20.47
C LEU A 537 -17.58 -18.47 -19.49
N TRP A 538 -18.50 -18.68 -18.56
CA TRP A 538 -18.35 -19.73 -17.56
C TRP A 538 -19.70 -20.14 -17.00
N GLU A 539 -19.72 -21.31 -16.33
CA GLU A 539 -20.93 -21.88 -15.72
C GLU A 539 -20.54 -22.61 -14.43
N ASN A 540 -21.44 -22.55 -13.44
CA ASN A 540 -21.30 -23.36 -12.23
C ASN A 540 -21.93 -24.72 -12.49
N SER A 541 -21.43 -25.73 -11.77
CA SER A 541 -21.89 -27.09 -11.90
C SER A 541 -21.79 -27.77 -10.53
N GLY A 542 -22.78 -27.51 -9.68
CA GLY A 542 -22.71 -27.86 -8.27
C GLY A 542 -21.64 -27.02 -7.58
N PRO A 543 -20.62 -27.66 -6.94
CA PRO A 543 -19.54 -26.92 -6.31
C PRO A 543 -18.49 -26.34 -7.27
N ILE A 544 -18.44 -26.87 -8.51
CA ILE A 544 -17.36 -26.57 -9.44
C ILE A 544 -17.75 -25.42 -10.36
N THR A 545 -16.82 -24.48 -10.55
CA THR A 545 -16.94 -23.46 -11.58
C THR A 545 -16.16 -23.91 -12.80
N ARG A 546 -16.80 -23.86 -13.97
CA ARG A 546 -16.19 -24.32 -15.21
C ARG A 546 -16.02 -23.13 -16.14
N ILE A 547 -14.76 -22.83 -16.46
CA ILE A 547 -14.43 -21.67 -17.26
C ILE A 547 -13.97 -22.17 -18.63
N THR A 548 -14.55 -21.60 -19.69
CA THR A 548 -14.07 -21.88 -21.03
C THR A 548 -13.16 -20.75 -21.48
N ILE A 549 -11.96 -21.13 -21.94
CA ILE A 549 -10.99 -20.20 -22.48
C ILE A 549 -11.55 -19.69 -23.80
N PRO A 550 -11.60 -18.36 -24.02
CA PRO A 550 -12.02 -17.80 -25.30
C PRO A 550 -11.26 -18.41 -26.48
N GLU A 551 -11.92 -18.44 -27.63
CA GLU A 551 -11.39 -19.07 -28.83
C GLU A 551 -10.03 -18.48 -29.18
N SER A 552 -9.91 -17.15 -29.18
CA SER A 552 -8.67 -16.48 -29.56
C SER A 552 -7.49 -16.91 -28.68
N PHE A 553 -7.75 -17.28 -27.42
CA PHE A 553 -6.69 -17.56 -26.46
C PHE A 553 -6.18 -19.00 -26.58
N LYS A 554 -6.62 -19.74 -27.60
CA LYS A 554 -6.11 -21.10 -27.82
C LYS A 554 -4.68 -21.01 -28.34
N ASP A 555 -4.38 -19.94 -29.08
CA ASP A 555 -3.05 -19.65 -29.60
C ASP A 555 -2.43 -18.52 -28.75
N GLU A 556 -1.20 -18.74 -28.27
CA GLU A 556 -0.62 -17.90 -27.23
C GLU A 556 -0.05 -16.59 -27.81
N ARG A 557 -0.15 -16.42 -29.13
CA ARG A 557 0.27 -15.19 -29.78
C ARG A 557 -0.80 -14.11 -29.59
N ASN A 558 -2.02 -14.49 -29.19
CA ASN A 558 -3.08 -13.52 -28.91
C ASN A 558 -3.10 -13.12 -27.44
N TRP A 559 -2.27 -13.76 -26.61
CA TRP A 559 -2.17 -13.42 -25.21
C TRP A 559 -1.57 -12.02 -25.07
N PRO A 560 -2.02 -11.21 -24.09
CA PRO A 560 -1.34 -9.95 -23.77
C PRO A 560 0.15 -10.17 -23.51
N ASN A 561 0.51 -11.29 -22.87
CA ASN A 561 1.90 -11.69 -22.72
C ASN A 561 2.05 -13.17 -23.06
N LYS A 562 3.09 -13.51 -23.83
CA LYS A 562 3.18 -14.83 -24.42
C LYS A 562 3.52 -15.91 -23.38
N TYR A 563 4.01 -15.54 -22.18
CA TYR A 563 4.41 -16.54 -21.19
C TYR A 563 3.26 -16.88 -20.24
N GLY A 564 2.11 -16.22 -20.38
CA GLY A 564 0.93 -16.60 -19.61
C GLY A 564 -0.10 -15.48 -19.54
N PHE A 565 -1.36 -15.88 -19.33
CA PHE A 565 -2.44 -14.94 -19.08
C PHE A 565 -3.08 -15.30 -17.74
N THR A 566 -3.87 -14.36 -17.20
CA THR A 566 -4.37 -14.46 -15.83
C THR A 566 -5.85 -14.12 -15.80
N LEU A 567 -6.65 -15.00 -15.19
CA LEU A 567 -8.07 -14.74 -14.99
C LEU A 567 -8.22 -13.96 -13.69
N LYS A 568 -9.04 -12.90 -13.73
CA LYS A 568 -9.42 -12.16 -12.54
C LYS A 568 -10.89 -12.49 -12.24
N VAL A 569 -11.14 -12.97 -11.01
CA VAL A 569 -12.44 -13.43 -10.60
C VAL A 569 -12.91 -12.62 -9.38
N ALA A 570 -13.92 -11.76 -9.57
CA ALA A 570 -14.59 -11.13 -8.44
C ALA A 570 -15.42 -12.18 -7.72
N VAL A 571 -15.14 -12.39 -6.42
CA VAL A 571 -15.81 -13.40 -5.62
C VAL A 571 -16.64 -12.71 -4.53
N LYS A 572 -17.35 -13.52 -3.74
CA LYS A 572 -17.97 -13.09 -2.49
C LYS A 572 -16.98 -12.19 -1.72
N VAL B 23 -23.53 19.89 -26.94
CA VAL B 23 -22.26 19.10 -27.01
C VAL B 23 -21.19 19.85 -26.21
N GLN B 24 -20.85 21.07 -26.67
CA GLN B 24 -19.66 21.77 -26.20
C GLN B 24 -20.06 22.81 -25.15
N TYR B 25 -19.37 22.71 -24.01
CA TYR B 25 -19.25 23.79 -23.05
C TYR B 25 -17.87 23.67 -22.42
N ASN B 26 -17.36 24.78 -21.88
CA ASN B 26 -16.17 24.73 -21.06
C ASN B 26 -16.59 24.35 -19.65
N PRO B 27 -16.21 23.16 -19.12
CA PRO B 27 -16.67 22.73 -17.79
C PRO B 27 -16.19 23.62 -16.64
N GLU B 28 -15.14 24.40 -16.87
CA GLU B 28 -14.55 25.30 -15.89
C GLU B 28 -15.14 26.71 -15.99
N LYS B 29 -15.97 26.96 -17.00
CA LYS B 29 -16.80 28.15 -17.03
C LYS B 29 -18.10 27.82 -17.76
N PRO B 30 -18.96 26.97 -17.14
CA PRO B 30 -20.06 26.34 -17.88
C PRO B 30 -21.25 27.27 -18.12
N ALA B 31 -21.72 27.24 -19.37
CA ALA B 31 -22.82 28.08 -19.83
C ALA B 31 -23.54 27.37 -20.98
N ARG B 32 -24.69 27.93 -21.38
CA ARG B 32 -25.53 27.33 -22.41
C ARG B 32 -24.71 27.09 -23.67
N PRO B 33 -24.67 25.86 -24.22
CA PRO B 33 -24.06 25.63 -25.54
C PRO B 33 -24.71 26.47 -26.64
N GLU B 34 -24.01 26.63 -27.77
CA GLU B 34 -24.44 27.58 -28.79
C GLU B 34 -25.64 27.04 -29.57
N ASP B 35 -25.74 25.72 -29.77
CA ASP B 35 -26.87 25.15 -30.51
C ASP B 35 -27.63 24.17 -29.64
N HIS B 36 -28.08 24.65 -28.47
CA HIS B 36 -28.78 23.81 -27.51
C HIS B 36 -30.04 23.24 -28.13
N LYS B 37 -30.21 21.92 -28.01
CA LYS B 37 -31.44 21.23 -28.37
C LYS B 37 -32.03 20.61 -27.12
N PRO B 38 -33.37 20.57 -26.95
CA PRO B 38 -33.99 19.92 -25.79
C PRO B 38 -33.67 18.43 -25.69
N PHE B 39 -33.53 17.94 -24.46
CA PHE B 39 -33.26 16.53 -24.22
C PHE B 39 -34.56 15.79 -23.93
N PHE B 40 -34.95 14.91 -24.86
CA PHE B 40 -36.09 14.03 -24.70
C PHE B 40 -35.59 12.60 -24.63
N TYR B 41 -35.71 11.98 -23.45
CA TYR B 41 -35.44 10.55 -23.30
C TYR B 41 -36.41 9.78 -24.20
N LYS B 42 -35.97 8.61 -24.67
CA LYS B 42 -36.72 7.84 -25.65
C LYS B 42 -38.14 7.58 -25.15
N TYR B 43 -38.32 7.50 -23.82
CA TYR B 43 -39.64 7.40 -23.20
C TYR B 43 -39.91 8.61 -22.33
N ASN B 44 -41.11 9.21 -22.47
CA ASN B 44 -41.58 10.20 -21.52
C ASN B 44 -42.28 9.49 -20.37
N THR B 45 -42.82 10.27 -19.42
CA THR B 45 -43.28 9.73 -18.15
C THR B 45 -44.52 8.86 -18.35
N ARG B 46 -45.45 9.26 -19.23
CA ARG B 46 -46.62 8.46 -19.53
C ARG B 46 -46.22 7.15 -20.22
N GLN B 47 -45.27 7.22 -21.16
CA GLN B 47 -44.76 6.03 -21.84
C GLN B 47 -44.14 5.08 -20.82
N LEU B 48 -43.38 5.61 -19.85
CA LEU B 48 -42.77 4.77 -18.81
C LEU B 48 -43.85 4.13 -17.95
N TYR B 49 -44.96 4.85 -17.71
CA TYR B 49 -46.07 4.34 -16.94
C TYR B 49 -46.74 3.18 -17.68
N GLU B 50 -46.96 3.34 -18.99
CA GLU B 50 -47.70 2.36 -19.77
C GLU B 50 -46.86 1.09 -19.93
N LYS B 51 -45.53 1.22 -20.08
CA LYS B 51 -44.69 0.06 -20.36
C LYS B 51 -44.19 -0.63 -19.10
N PHE B 52 -43.77 0.12 -18.07
CA PHE B 52 -42.90 -0.45 -17.05
C PHE B 52 -43.51 -0.47 -15.65
N SER B 53 -44.53 0.35 -15.38
CA SER B 53 -44.94 0.56 -14.01
C SER B 53 -45.40 -0.73 -13.36
N ASP B 54 -46.30 -1.47 -14.03
CA ASP B 54 -46.89 -2.68 -13.47
C ASP B 54 -45.79 -3.69 -13.15
N ASP B 55 -44.90 -3.91 -14.13
CA ASP B 55 -43.78 -4.82 -13.97
C ASP B 55 -42.89 -4.41 -12.80
N LEU B 56 -42.55 -3.11 -12.72
CA LEU B 56 -41.72 -2.59 -11.64
C LEU B 56 -42.38 -2.85 -10.30
N MET B 57 -43.69 -2.66 -10.24
CA MET B 57 -44.39 -2.77 -8.96
C MET B 57 -44.49 -4.24 -8.54
N GLN B 58 -44.59 -5.16 -9.51
CA GLN B 58 -44.54 -6.59 -9.20
C GLN B 58 -43.16 -6.98 -8.69
N ARG B 59 -42.10 -6.60 -9.43
CA ARG B 59 -40.72 -6.84 -9.00
C ARG B 59 -40.47 -6.27 -7.61
N ALA B 60 -40.98 -5.06 -7.32
CA ALA B 60 -40.81 -4.44 -6.01
C ALA B 60 -41.47 -5.29 -4.92
N ALA B 61 -42.66 -5.83 -5.21
CA ALA B 61 -43.39 -6.67 -4.27
C ALA B 61 -42.53 -7.88 -3.85
N ASN B 62 -41.83 -8.48 -4.83
CA ASN B 62 -40.97 -9.63 -4.58
C ASN B 62 -39.78 -9.24 -3.70
N ASP B 63 -39.11 -8.12 -4.04
CA ASP B 63 -37.99 -7.64 -3.25
C ASP B 63 -38.43 -7.35 -1.81
N ARG B 64 -39.61 -6.76 -1.61
CA ARG B 64 -40.08 -6.44 -0.27
C ARG B 64 -40.25 -7.70 0.56
N LYS B 65 -40.72 -8.79 -0.08
CA LYS B 65 -40.88 -10.08 0.59
C LYS B 65 -39.52 -10.65 0.98
N GLU B 66 -38.56 -10.56 0.06
CA GLU B 66 -37.18 -10.99 0.30
C GLU B 66 -36.59 -10.21 1.48
N ILE B 67 -36.81 -8.89 1.52
CA ILE B 67 -36.31 -8.05 2.60
C ILE B 67 -36.93 -8.47 3.92
N GLU B 68 -38.24 -8.71 3.94
CA GLU B 68 -38.95 -9.11 5.15
C GLU B 68 -38.43 -10.45 5.67
N LYS B 69 -38.13 -11.38 4.76
CA LYS B 69 -37.64 -12.71 5.15
C LYS B 69 -36.24 -12.60 5.72
N ILE B 70 -35.33 -11.88 5.03
CA ILE B 70 -33.98 -11.63 5.54
C ILE B 70 -34.04 -11.04 6.95
N ASN B 71 -34.96 -10.11 7.18
CA ASN B 71 -35.11 -9.48 8.50
C ASN B 71 -35.76 -10.47 9.47
N GLN B 72 -36.53 -11.42 8.95
CA GLN B 72 -37.18 -12.45 9.78
C GLN B 72 -36.10 -13.39 10.31
N LEU B 73 -35.23 -13.86 9.40
CA LEU B 73 -34.18 -14.83 9.68
C LEU B 73 -33.04 -14.20 10.47
N GLY B 74 -32.84 -12.89 10.27
CA GLY B 74 -31.64 -12.20 10.73
C GLY B 74 -31.70 -11.71 12.18
N LYS B 75 -30.53 -11.29 12.65
CA LYS B 75 -30.32 -10.82 14.00
C LYS B 75 -31.09 -9.52 14.24
N TYR B 76 -31.08 -8.61 13.26
CA TYR B 76 -31.60 -7.26 13.42
C TYR B 76 -33.02 -7.12 12.87
N LYS B 77 -33.87 -6.46 13.68
CA LYS B 77 -35.26 -6.18 13.36
C LYS B 77 -35.43 -4.69 13.05
N PRO B 78 -36.44 -4.29 12.24
CA PRO B 78 -36.64 -2.87 11.90
C PRO B 78 -37.20 -2.04 13.06
N LYS B 79 -36.44 -2.00 14.17
CA LYS B 79 -36.79 -1.29 15.39
C LYS B 79 -35.56 -0.59 15.94
N LYS B 80 -35.75 0.59 16.54
CA LYS B 80 -34.65 1.36 17.10
C LYS B 80 -33.90 0.55 18.16
N GLN B 81 -34.64 -0.09 19.08
CA GLN B 81 -34.08 -0.88 20.16
C GLN B 81 -33.10 -1.92 19.61
N SER B 82 -33.53 -2.64 18.56
CA SER B 82 -32.73 -3.65 17.91
C SER B 82 -31.52 -3.05 17.20
N LEU B 83 -31.74 -1.98 16.42
CA LEU B 83 -30.71 -1.40 15.56
C LEU B 83 -29.64 -0.69 16.39
N ASP B 84 -30.03 -0.09 17.52
CA ASP B 84 -29.11 0.67 18.35
C ASP B 84 -28.04 -0.22 18.98
N GLU B 85 -28.30 -1.54 19.00
CA GLU B 85 -27.38 -2.48 19.63
C GLU B 85 -26.23 -2.81 18.68
N HIS B 86 -26.38 -2.50 17.39
CA HIS B 86 -25.26 -2.56 16.47
C HIS B 86 -24.23 -1.50 16.88
N GLU B 87 -22.94 -1.86 16.76
CA GLU B 87 -21.86 -1.01 17.24
C GLU B 87 -21.08 -0.46 16.05
N VAL B 88 -20.48 0.72 16.24
CA VAL B 88 -19.54 1.24 15.26
C VAL B 88 -18.40 0.24 15.13
N PRO B 89 -18.05 -0.23 13.91
CA PRO B 89 -16.89 -1.10 13.73
C PRO B 89 -15.55 -0.39 13.98
N GLU B 90 -14.56 -1.19 14.37
CA GLU B 90 -13.22 -0.69 14.64
C GLU B 90 -12.63 -0.01 13.41
N TRP B 91 -12.90 -0.55 12.22
CA TRP B 91 -12.31 -0.01 11.01
C TRP B 91 -12.72 1.45 10.79
N PHE B 92 -13.93 1.82 11.23
CA PHE B 92 -14.44 3.17 11.02
C PHE B 92 -13.74 4.17 11.96
N ARG B 93 -13.67 3.80 13.24
CA ARG B 93 -12.94 4.57 14.24
C ARG B 93 -11.49 4.76 13.85
N ASP B 94 -10.89 3.76 13.19
CA ASP B 94 -9.48 3.73 12.86
C ASP B 94 -9.19 4.42 11.52
N ALA B 95 -10.24 4.63 10.70
CA ALA B 95 -10.09 5.15 9.35
C ALA B 95 -9.70 6.64 9.33
N LYS B 96 -10.47 7.48 10.04
CA LYS B 96 -10.19 8.89 10.26
C LYS B 96 -10.50 9.77 9.03
N LEU B 97 -10.10 9.32 7.83
CA LEU B 97 -10.30 10.12 6.63
C LEU B 97 -11.06 9.32 5.57
N GLY B 98 -12.12 9.93 5.04
CA GLY B 98 -12.84 9.42 3.89
C GLY B 98 -12.92 10.48 2.79
N ILE B 99 -13.27 10.02 1.58
CA ILE B 99 -13.51 10.90 0.45
C ILE B 99 -14.98 10.81 0.08
N PHE B 100 -15.61 11.99 -0.06
CA PHE B 100 -17.01 12.13 -0.43
C PHE B 100 -17.04 12.63 -1.88
N LEU B 101 -17.41 11.74 -2.81
CA LEU B 101 -17.23 12.08 -4.22
C LEU B 101 -18.53 12.68 -4.76
N ASP B 102 -18.59 14.02 -4.69
CA ASP B 102 -19.80 14.79 -4.95
C ASP B 102 -19.85 15.15 -6.43
N TRP B 103 -20.40 14.22 -7.22
CA TRP B 103 -20.51 14.35 -8.67
C TRP B 103 -21.89 13.91 -9.11
N GLY B 104 -22.44 14.68 -10.06
CA GLY B 104 -23.71 14.36 -10.68
C GLY B 104 -24.11 15.46 -11.67
N PRO B 105 -25.36 15.44 -12.18
CA PRO B 105 -25.78 16.40 -13.21
C PRO B 105 -25.60 17.88 -12.85
N TRP B 106 -25.67 18.17 -11.54
CA TRP B 106 -25.45 19.50 -10.99
C TRP B 106 -24.02 19.99 -11.22
N SER B 107 -23.09 19.07 -11.43
CA SER B 107 -21.69 19.39 -11.64
C SER B 107 -21.50 20.18 -12.94
N VAL B 108 -22.46 20.04 -13.87
CA VAL B 108 -22.37 20.74 -15.14
C VAL B 108 -22.48 22.25 -14.93
N PRO B 109 -23.61 22.80 -14.40
CA PRO B 109 -23.69 24.24 -14.13
C PRO B 109 -22.68 24.71 -13.07
N GLY B 110 -22.42 23.86 -12.07
CA GLY B 110 -21.34 24.07 -11.13
C GLY B 110 -21.36 25.46 -10.50
N TYR B 111 -22.49 25.78 -9.82
CA TYR B 111 -22.65 27.11 -9.27
C TYR B 111 -23.70 27.13 -8.17
N ALA B 112 -23.43 27.95 -7.14
CA ALA B 112 -24.44 28.54 -6.29
C ALA B 112 -24.09 30.02 -6.11
N PRO B 113 -25.09 30.95 -6.10
CA PRO B 113 -24.82 32.39 -5.94
C PRO B 113 -24.48 32.81 -4.51
N PRO B 114 -23.69 33.90 -4.34
CA PRO B 114 -23.41 34.46 -3.01
C PRO B 114 -24.70 34.74 -2.24
N GLY B 115 -24.71 34.48 -0.94
CA GLY B 115 -25.86 34.78 -0.10
C GLY B 115 -26.89 33.65 -0.04
N SER B 116 -26.65 32.53 -0.73
CA SER B 116 -27.63 31.43 -0.77
C SER B 116 -27.20 30.27 0.12
N GLU B 117 -26.39 30.53 1.14
CA GLU B 117 -25.80 29.49 1.96
C GLU B 117 -26.89 28.86 2.82
N GLY B 118 -26.75 27.55 3.07
CA GLY B 118 -27.67 26.85 3.94
C GLY B 118 -27.42 27.21 5.39
N ASP B 119 -28.31 26.76 6.28
CA ASP B 119 -28.19 26.99 7.71
C ASP B 119 -26.96 26.29 8.29
N THR B 120 -26.42 25.29 7.58
CA THR B 120 -25.16 24.68 7.97
C THR B 120 -23.98 25.65 7.83
N GLY B 121 -24.11 26.67 6.96
CA GLY B 121 -23.03 27.57 6.57
C GLY B 121 -22.43 27.16 5.22
N GLY B 122 -22.82 25.99 4.72
CA GLY B 122 -22.30 25.50 3.46
C GLY B 122 -23.03 26.12 2.27
N SER B 123 -22.36 26.10 1.12
CA SER B 123 -22.92 26.49 -0.17
C SER B 123 -23.25 25.20 -0.95
N TYR B 124 -24.38 25.16 -1.67
CA TYR B 124 -24.87 23.92 -2.25
C TYR B 124 -25.11 24.07 -3.75
N PRO B 125 -24.03 24.15 -4.56
CA PRO B 125 -24.15 23.87 -5.99
C PRO B 125 -24.84 22.54 -6.30
N ASP B 126 -24.73 21.56 -5.39
CA ASP B 126 -25.35 20.26 -5.63
C ASP B 126 -26.87 20.29 -5.43
N TRP B 127 -27.43 21.46 -5.06
CA TRP B 127 -28.87 21.65 -5.05
C TRP B 127 -29.36 22.37 -6.30
N TYR B 128 -28.48 22.57 -7.29
CA TYR B 128 -28.80 23.40 -8.45
C TYR B 128 -30.04 22.88 -9.17
N GLU B 129 -30.19 21.55 -9.28
CA GLU B 129 -31.26 20.97 -10.09
C GLU B 129 -32.63 21.40 -9.58
N PHE B 130 -32.74 21.56 -8.26
CA PHE B 130 -33.93 22.04 -7.60
C PHE B 130 -34.01 23.58 -7.62
N LEU B 131 -32.95 24.22 -7.10
CA LEU B 131 -33.00 25.65 -6.82
C LEU B 131 -32.85 26.50 -8.08
N MET B 132 -32.60 25.90 -9.25
CA MET B 132 -32.61 26.62 -10.52
C MET B 132 -33.96 27.29 -10.80
N ASP B 133 -35.04 26.74 -10.21
CA ASP B 133 -36.38 27.29 -10.36
C ASP B 133 -36.73 28.24 -9.20
N PHE B 134 -35.79 28.44 -8.27
CA PHE B 134 -36.06 29.16 -7.03
C PHE B 134 -34.89 30.12 -6.74
N THR B 135 -34.07 29.80 -5.73
CA THR B 135 -33.01 30.66 -5.24
C THR B 135 -32.00 31.01 -6.33
N TYR B 136 -31.75 30.07 -7.26
CA TYR B 136 -30.70 30.23 -8.27
C TYR B 136 -31.28 30.59 -9.63
N LYS B 137 -32.53 31.02 -9.69
CA LYS B 137 -33.23 31.16 -10.97
C LYS B 137 -32.70 32.34 -11.77
N ALA B 138 -32.36 33.45 -11.10
CA ALA B 138 -31.81 34.60 -11.80
C ALA B 138 -30.57 34.19 -12.58
N TYR B 139 -29.66 33.45 -11.91
CA TYR B 139 -28.45 32.96 -12.54
C TYR B 139 -28.79 32.05 -13.72
N HIS B 140 -29.71 31.11 -13.50
CA HIS B 140 -30.03 30.13 -14.52
C HIS B 140 -30.65 30.80 -15.73
N ASP B 141 -31.54 31.76 -15.50
CA ASP B 141 -32.24 32.44 -16.59
C ASP B 141 -31.23 33.10 -17.51
N SER B 142 -30.24 33.80 -16.94
CA SER B 142 -29.28 34.55 -17.75
C SER B 142 -28.21 33.65 -18.36
N ILE B 143 -27.72 32.64 -17.63
CA ILE B 143 -26.55 31.87 -18.06
C ILE B 143 -26.94 30.65 -18.88
N TRP B 144 -28.10 30.03 -18.59
CA TRP B 144 -28.52 28.80 -19.25
C TRP B 144 -29.77 29.00 -20.11
N GLY B 145 -30.64 29.93 -19.70
CA GLY B 145 -31.87 30.24 -20.40
C GLY B 145 -33.09 29.61 -19.72
N GLU B 146 -34.24 30.29 -19.86
CA GLU B 146 -35.45 29.85 -19.17
C GLU B 146 -36.02 28.58 -19.81
N ASP B 147 -35.64 28.31 -21.06
CA ASP B 147 -36.12 27.13 -21.80
C ASP B 147 -35.24 25.92 -21.52
N PHE B 148 -34.11 26.11 -20.83
CA PHE B 148 -33.20 25.03 -20.50
C PHE B 148 -33.67 24.36 -19.22
N ARG B 149 -34.12 23.11 -19.33
CA ARG B 149 -34.73 22.39 -18.23
C ARG B 149 -33.66 21.62 -17.45
N ARG B 150 -34.07 21.14 -16.27
CA ARG B 150 -33.19 20.37 -15.39
C ARG B 150 -32.52 19.25 -16.16
N ASP B 151 -33.31 18.50 -16.95
CA ASP B 151 -32.87 17.26 -17.55
C ASP B 151 -31.97 17.52 -18.76
N ASP B 152 -31.92 18.76 -19.22
CA ASP B 152 -31.01 19.14 -20.29
C ASP B 152 -29.55 19.03 -19.84
N PHE B 153 -29.30 19.03 -18.53
CA PHE B 153 -27.94 18.90 -18.01
C PHE B 153 -27.42 17.47 -18.14
N LEU B 154 -28.34 16.49 -18.22
CA LEU B 154 -27.97 15.08 -18.19
C LEU B 154 -27.06 14.71 -19.37
N PRO B 155 -27.41 15.02 -20.65
CA PRO B 155 -26.48 14.74 -21.75
C PRO B 155 -25.15 15.48 -21.66
N LEU B 156 -25.12 16.61 -20.96
CA LEU B 156 -23.91 17.40 -20.82
C LEU B 156 -22.97 16.81 -19.76
N LEU B 157 -23.45 15.86 -18.96
CA LEU B 157 -22.60 15.21 -17.97
C LEU B 157 -21.94 14.00 -18.60
N HIS B 158 -21.00 14.27 -19.52
CA HIS B 158 -20.42 13.24 -20.39
C HIS B 158 -19.34 12.46 -19.64
N GLY B 159 -18.68 13.08 -18.66
CA GLY B 159 -17.77 12.36 -17.78
C GLY B 159 -16.54 11.84 -18.52
N ASN B 160 -16.04 12.63 -19.50
CA ASN B 160 -14.95 12.20 -20.37
C ASN B 160 -13.62 12.27 -19.64
N ASN B 161 -13.49 13.15 -18.64
CA ASN B 161 -12.31 13.20 -17.79
C ASN B 161 -12.54 12.46 -16.46
N PHE B 162 -13.64 11.72 -16.34
CA PHE B 162 -13.92 10.99 -15.10
C PHE B 162 -13.25 9.64 -15.19
N ASP B 163 -12.11 9.51 -14.51
CA ASP B 163 -11.36 8.27 -14.49
C ASP B 163 -11.49 7.66 -13.11
N SER B 164 -12.29 6.60 -13.02
CA SER B 164 -12.66 5.96 -11.78
C SER B 164 -11.46 5.35 -11.07
N GLU B 165 -10.49 4.86 -11.88
CA GLU B 165 -9.25 4.32 -11.35
C GLU B 165 -8.45 5.42 -10.66
N GLU B 166 -8.31 6.58 -11.29
CA GLU B 166 -7.53 7.67 -10.73
C GLU B 166 -8.20 8.26 -9.51
N TYR B 167 -9.54 8.21 -9.42
CA TYR B 167 -10.25 8.73 -8.25
C TYR B 167 -9.99 7.84 -7.03
N ALA B 168 -9.96 6.52 -7.24
CA ALA B 168 -9.65 5.59 -6.16
C ALA B 168 -8.19 5.80 -5.73
N GLU B 169 -7.30 6.03 -6.70
CA GLU B 169 -5.87 6.15 -6.42
C GLU B 169 -5.62 7.47 -5.67
N LEU B 170 -6.28 8.54 -6.12
CA LEU B 170 -6.18 9.84 -5.45
C LEU B 170 -6.63 9.75 -4.00
N ALA B 171 -7.70 9.00 -3.73
CA ALA B 171 -8.16 8.80 -2.35
C ALA B 171 -7.08 8.12 -1.52
N VAL B 172 -6.43 7.09 -2.09
CA VAL B 172 -5.35 6.40 -1.43
C VAL B 172 -4.20 7.38 -1.16
N GLN B 173 -3.82 8.16 -2.18
CA GLN B 173 -2.70 9.09 -2.07
C GLN B 173 -3.03 10.27 -1.14
N ALA B 174 -4.32 10.53 -0.89
CA ALA B 174 -4.74 11.55 0.06
C ALA B 174 -4.66 11.03 1.50
N GLY B 175 -4.51 9.70 1.63
CA GLY B 175 -4.48 9.06 2.94
C GLY B 175 -5.85 8.57 3.39
N ALA B 176 -6.83 8.58 2.48
CA ALA B 176 -8.19 8.20 2.84
C ALA B 176 -8.28 6.68 2.97
N LYS B 177 -9.14 6.21 3.89
CA LYS B 177 -9.38 4.79 4.10
C LYS B 177 -10.77 4.37 3.65
N TYR B 178 -11.63 5.34 3.31
CA TYR B 178 -12.93 5.00 2.72
C TYR B 178 -13.32 6.03 1.65
N MET B 179 -14.20 5.57 0.76
CA MET B 179 -14.64 6.30 -0.40
C MET B 179 -16.17 6.18 -0.47
N VAL B 180 -16.84 7.34 -0.45
CA VAL B 180 -18.29 7.43 -0.50
C VAL B 180 -18.67 8.29 -1.71
N PRO B 181 -18.87 7.72 -2.91
CA PRO B 181 -19.44 8.47 -4.03
C PRO B 181 -20.93 8.78 -3.77
N PHE B 182 -21.41 9.85 -4.42
CA PHE B 182 -22.81 10.24 -4.40
C PHE B 182 -23.61 9.29 -5.30
N ALA B 183 -23.86 8.08 -4.80
CA ALA B 183 -24.50 7.03 -5.57
C ALA B 183 -25.86 7.49 -6.10
N ARG B 184 -26.71 8.05 -5.21
CA ARG B 184 -27.97 8.63 -5.66
C ARG B 184 -28.38 9.81 -4.76
N HIS B 185 -28.38 11.00 -5.37
CA HIS B 185 -28.72 12.25 -4.71
C HIS B 185 -30.21 12.55 -4.93
N HIS B 186 -30.64 13.79 -4.68
CA HIS B 186 -32.03 14.11 -4.40
C HIS B 186 -32.91 14.17 -5.65
N ALA B 187 -32.31 14.26 -6.85
CA ALA B 187 -33.08 14.27 -8.10
C ALA B 187 -33.17 12.88 -8.72
N GLY B 188 -32.50 11.89 -8.11
CA GLY B 188 -32.84 10.49 -8.33
C GLY B 188 -31.95 9.78 -9.37
N TRP B 189 -30.91 10.45 -9.87
CA TRP B 189 -30.01 9.89 -10.87
C TRP B 189 -29.03 8.95 -10.19
N THR B 190 -28.98 7.69 -10.65
CA THR B 190 -28.15 6.67 -10.02
C THR B 190 -26.85 6.52 -10.80
N MET B 191 -25.75 6.48 -10.05
CA MET B 191 -24.42 6.26 -10.61
C MET B 191 -24.30 4.82 -11.11
N TRP B 192 -25.18 3.92 -10.65
CA TRP B 192 -25.19 2.55 -11.13
C TRP B 192 -26.35 2.32 -12.11
N GLU B 193 -26.17 1.29 -12.95
CA GLU B 193 -27.22 0.83 -13.85
C GLU B 193 -28.23 0.05 -13.03
N SER B 194 -29.45 0.58 -12.95
CA SER B 194 -30.50 0.07 -12.09
C SER B 194 -31.57 -0.62 -12.94
N LYS B 195 -32.33 -1.53 -12.31
CA LYS B 195 -33.49 -2.17 -12.90
C LYS B 195 -34.77 -1.44 -12.47
N TYR B 196 -34.63 -0.36 -11.68
CA TYR B 196 -35.77 0.32 -11.08
C TYR B 196 -35.84 1.78 -11.52
N THR B 197 -34.91 2.20 -12.40
CA THR B 197 -34.97 3.52 -12.98
C THR B 197 -34.11 3.55 -14.23
N PHE B 198 -34.57 4.28 -15.25
CA PHE B 198 -33.78 4.58 -16.42
C PHE B 198 -33.02 5.89 -16.24
N ARG B 199 -33.22 6.55 -15.08
CA ARG B 199 -32.43 7.73 -14.74
C ARG B 199 -31.15 7.25 -14.07
N ASN B 200 -30.24 6.69 -14.89
CA ASN B 200 -29.04 6.03 -14.40
C ASN B 200 -27.88 6.38 -15.33
N ALA B 201 -26.66 6.09 -14.87
CA ALA B 201 -25.45 6.59 -15.49
C ALA B 201 -25.21 5.95 -16.85
N VAL B 202 -25.76 4.74 -17.09
CA VAL B 202 -25.62 4.09 -18.39
C VAL B 202 -26.56 4.70 -19.42
N GLU B 203 -27.81 5.01 -19.01
CA GLU B 203 -28.79 5.58 -19.92
C GLU B 203 -28.53 7.06 -20.17
N MET B 204 -28.00 7.76 -19.16
CA MET B 204 -28.00 9.21 -19.18
C MET B 204 -26.67 9.75 -18.67
N GLY B 205 -26.03 10.56 -19.51
CA GLY B 205 -24.83 11.29 -19.13
C GLY B 205 -23.57 10.63 -19.66
N PRO B 206 -22.78 9.93 -18.80
CA PRO B 206 -21.51 9.36 -19.24
C PRO B 206 -21.63 8.01 -19.97
N LYS B 207 -22.82 7.38 -19.92
CA LYS B 207 -23.13 6.15 -20.64
C LYS B 207 -22.24 4.99 -20.17
N ARG B 208 -21.94 4.95 -18.87
CA ARG B 208 -21.17 3.88 -18.27
C ARG B 208 -21.63 3.71 -16.82
N ASP B 209 -21.37 2.52 -16.26
CA ASP B 209 -21.75 2.26 -14.89
C ASP B 209 -20.64 2.82 -14.01
N ILE B 210 -20.85 4.07 -13.57
CA ILE B 210 -19.83 4.79 -12.82
C ILE B 210 -19.63 4.16 -11.45
N LEU B 211 -20.70 3.75 -10.78
CA LEU B 211 -20.53 3.20 -9.44
C LEU B 211 -19.81 1.86 -9.51
N LYS B 212 -20.01 1.11 -10.59
CA LYS B 212 -19.38 -0.19 -10.76
C LYS B 212 -17.88 0.04 -10.94
N GLU B 213 -17.50 0.97 -11.81
CA GLU B 213 -16.10 1.30 -12.01
C GLU B 213 -15.44 1.67 -10.66
N LEU B 214 -16.14 2.47 -9.84
CA LEU B 214 -15.56 2.99 -8.62
C LEU B 214 -15.42 1.92 -7.55
N VAL B 215 -16.39 0.98 -7.49
CA VAL B 215 -16.36 -0.04 -6.45
C VAL B 215 -15.22 -1.03 -6.76
N GLU B 216 -15.01 -1.33 -8.06
CA GLU B 216 -13.94 -2.22 -8.50
C GLU B 216 -12.58 -1.59 -8.23
N ALA B 217 -12.44 -0.30 -8.59
CA ALA B 217 -11.22 0.45 -8.35
C ALA B 217 -10.93 0.58 -6.85
N SER B 218 -11.97 0.72 -6.02
CA SER B 218 -11.81 0.87 -4.57
C SER B 218 -11.40 -0.45 -3.91
N ARG B 219 -12.07 -1.55 -4.29
CA ARG B 219 -11.87 -2.83 -3.62
C ARG B 219 -10.43 -3.32 -3.80
N LYS B 220 -9.88 -3.11 -5.00
CA LYS B 220 -8.53 -3.55 -5.30
C LYS B 220 -7.47 -2.66 -4.65
N ARG B 221 -7.88 -1.63 -3.87
CA ARG B 221 -6.95 -0.80 -3.12
C ARG B 221 -7.23 -0.82 -1.62
N ASP B 222 -8.15 -1.70 -1.18
CA ASP B 222 -8.48 -1.85 0.24
C ASP B 222 -9.16 -0.60 0.82
N LEU B 223 -9.71 0.28 -0.04
CA LEU B 223 -10.60 1.34 0.40
C LEU B 223 -11.93 0.71 0.80
N LYS B 224 -12.42 1.01 1.99
CA LYS B 224 -13.81 0.71 2.34
C LYS B 224 -14.72 1.55 1.44
N PHE B 225 -15.92 1.02 1.17
CA PHE B 225 -16.82 1.63 0.20
C PHE B 225 -18.15 1.99 0.86
N GLY B 226 -18.56 3.24 0.68
CA GLY B 226 -19.80 3.76 1.24
C GLY B 226 -20.87 4.00 0.19
N PHE B 227 -22.11 3.70 0.56
CA PHE B 227 -23.27 3.81 -0.30
C PHE B 227 -24.08 5.03 0.13
N TYR B 228 -23.94 6.11 -0.64
CA TYR B 228 -24.68 7.34 -0.39
C TYR B 228 -26.06 7.23 -1.06
N PHE B 229 -27.13 7.33 -0.26
CA PHE B 229 -28.46 7.08 -0.77
C PHE B 229 -29.45 8.11 -0.21
N SER B 230 -29.94 8.99 -1.08
CA SER B 230 -31.01 9.91 -0.73
C SER B 230 -32.32 9.14 -0.53
N ILE B 231 -32.99 9.39 0.60
CA ILE B 231 -34.23 8.73 0.95
C ILE B 231 -35.36 9.30 0.09
N ALA B 232 -35.66 10.59 0.30
CA ALA B 232 -36.64 11.31 -0.51
C ALA B 232 -35.98 11.86 -1.78
N GLU B 233 -36.83 12.22 -2.73
CA GLU B 233 -36.43 12.94 -3.93
C GLU B 233 -37.33 14.17 -4.03
N TRP B 234 -36.87 15.17 -4.78
CA TRP B 234 -37.58 16.44 -4.86
C TRP B 234 -38.94 16.26 -5.53
N GLU B 235 -39.02 15.39 -6.54
CA GLU B 235 -40.26 15.10 -7.26
C GLU B 235 -40.29 13.62 -7.67
N TYR B 236 -41.44 12.95 -7.52
CA TYR B 236 -41.59 11.62 -8.09
C TYR B 236 -42.99 11.48 -8.68
N PRO B 237 -43.15 11.01 -9.94
CA PRO B 237 -44.47 10.74 -10.52
C PRO B 237 -45.13 9.52 -9.87
N VAL B 238 -46.35 9.70 -9.34
CA VAL B 238 -47.06 8.61 -8.67
C VAL B 238 -48.42 8.38 -9.32
N ILE B 239 -48.91 7.14 -9.16
CA ILE B 239 -50.20 6.70 -9.66
C ILE B 239 -51.22 6.86 -8.54
N THR B 240 -52.35 7.51 -8.88
CA THR B 240 -53.35 7.90 -7.91
C THR B 240 -54.68 7.21 -8.20
N LYS B 241 -55.57 7.25 -7.20
CA LYS B 241 -56.91 6.70 -7.28
C LYS B 241 -57.96 7.78 -7.59
N GLU B 242 -57.53 9.05 -7.64
CA GLU B 242 -58.42 10.16 -7.95
C GLU B 242 -57.61 11.35 -8.47
N ARG B 243 -58.30 12.29 -9.12
CA ARG B 243 -57.61 13.41 -9.74
C ARG B 243 -57.29 14.43 -8.66
N VAL B 244 -56.21 15.18 -8.86
CA VAL B 244 -55.78 16.15 -7.87
C VAL B 244 -56.61 17.42 -8.05
N SER B 245 -56.73 17.91 -9.30
CA SER B 245 -57.59 19.04 -9.61
C SER B 245 -58.25 18.83 -10.97
N GLN B 246 -59.27 19.66 -11.26
CA GLN B 246 -60.01 19.60 -12.51
C GLN B 246 -59.16 20.10 -13.69
N TRP B 247 -58.05 20.78 -13.43
CA TRP B 247 -57.22 21.34 -14.49
C TRP B 247 -56.17 20.34 -14.99
N ASP B 248 -56.06 19.19 -14.32
CA ASP B 248 -55.05 18.18 -14.61
C ASP B 248 -55.36 17.43 -15.91
N PRO B 249 -54.39 17.22 -16.82
CA PRO B 249 -54.63 16.38 -18.00
C PRO B 249 -54.86 14.91 -17.68
N TYR B 250 -54.25 14.38 -16.62
CA TYR B 250 -54.39 13.00 -16.20
C TYR B 250 -55.04 12.94 -14.84
N GLU B 251 -55.96 11.98 -14.66
CA GLU B 251 -56.73 11.84 -13.45
C GLU B 251 -56.18 10.68 -12.62
N ASP B 252 -55.14 10.04 -13.14
CA ASP B 252 -54.58 8.83 -12.56
C ASP B 252 -53.12 9.07 -12.18
N MET B 253 -52.68 10.33 -12.15
CA MET B 253 -51.26 10.60 -11.96
C MET B 253 -51.08 11.95 -11.27
N ALA B 254 -50.02 12.03 -10.45
CA ALA B 254 -49.65 13.21 -9.67
C ALA B 254 -48.15 13.23 -9.43
N ILE B 255 -47.66 14.28 -8.76
CA ILE B 255 -46.27 14.42 -8.37
C ILE B 255 -46.20 14.34 -6.84
N PHE B 256 -45.39 13.42 -6.32
CA PHE B 256 -45.24 13.25 -4.89
C PHE B 256 -44.06 14.07 -4.36
N HIS B 257 -44.30 14.75 -3.23
CA HIS B 257 -43.30 15.50 -2.46
C HIS B 257 -43.42 15.13 -0.99
N ASP B 258 -42.30 15.20 -0.26
CA ASP B 258 -42.33 15.35 1.20
C ASP B 258 -41.71 16.70 1.54
N GLY B 259 -41.26 16.89 2.79
CA GLY B 259 -40.71 18.17 3.22
C GLY B 259 -39.21 18.33 2.97
N MET B 260 -38.61 17.48 2.14
CA MET B 260 -37.16 17.41 2.02
C MET B 260 -36.59 18.69 1.40
N GLY B 261 -37.32 19.29 0.44
CA GLY B 261 -36.84 20.43 -0.33
C GLY B 261 -36.82 21.73 0.48
N LEU B 262 -37.53 21.73 1.62
CA LEU B 262 -37.55 22.83 2.59
C LEU B 262 -38.44 23.98 2.13
N ILE B 263 -38.33 24.41 0.86
CA ILE B 263 -39.29 25.33 0.26
C ILE B 263 -40.66 24.67 0.29
N PRO B 264 -41.73 25.30 0.81
CA PRO B 264 -43.04 24.64 0.88
C PRO B 264 -43.55 24.28 -0.51
N ARG B 265 -43.98 23.01 -0.66
CA ARG B 265 -44.68 22.54 -1.84
C ARG B 265 -45.99 21.90 -1.41
N PRO B 266 -46.95 21.64 -2.33
CA PRO B 266 -48.16 20.90 -1.98
C PRO B 266 -47.76 19.50 -1.48
N VAL B 267 -48.35 19.07 -0.35
CA VAL B 267 -47.99 17.80 0.26
C VAL B 267 -49.29 17.07 0.66
N PRO B 268 -49.45 15.77 0.32
CA PRO B 268 -48.41 14.97 -0.35
C PRO B 268 -48.34 15.08 -1.87
N LEU B 269 -49.38 15.63 -2.51
CA LEU B 269 -49.49 15.55 -3.96
C LEU B 269 -49.65 16.93 -4.58
N ALA B 270 -48.90 17.13 -5.68
CA ALA B 270 -49.08 18.22 -6.61
C ALA B 270 -49.66 17.71 -7.93
N SER B 271 -50.36 18.57 -8.66
CA SER B 271 -50.89 18.26 -9.98
C SER B 271 -49.73 18.03 -10.95
N TYR B 272 -49.89 17.05 -11.84
CA TYR B 272 -48.87 16.71 -12.82
C TYR B 272 -49.21 17.33 -14.17
N PHE B 273 -48.22 18.00 -14.77
CA PHE B 273 -48.33 18.58 -16.10
C PHE B 273 -47.08 18.17 -16.90
N PRO B 274 -47.22 17.34 -17.96
CA PRO B 274 -46.05 16.93 -18.74
C PRO B 274 -45.10 18.05 -19.17
N ALA B 275 -45.64 19.17 -19.68
CA ALA B 275 -44.80 20.24 -20.20
C ALA B 275 -44.01 20.94 -19.09
N ARG B 276 -44.39 20.68 -17.84
CA ARG B 276 -43.75 21.25 -16.66
C ARG B 276 -42.81 20.21 -16.06
N HIS B 277 -43.29 18.98 -15.87
CA HIS B 277 -42.62 18.03 -15.00
C HIS B 277 -41.71 17.07 -15.76
N ASP B 278 -42.12 16.65 -16.96
CA ASP B 278 -41.47 15.52 -17.61
C ASP B 278 -39.95 15.70 -17.65
N ARG B 279 -39.50 16.93 -17.94
CA ARG B 279 -38.09 17.16 -18.17
C ARG B 279 -37.41 17.62 -16.89
N MET B 280 -37.94 17.22 -15.72
CA MET B 280 -37.16 17.20 -14.51
C MET B 280 -37.20 15.82 -13.84
N ILE B 281 -37.89 14.85 -14.47
CA ILE B 281 -38.04 13.50 -13.92
C ILE B 281 -37.77 12.44 -14.99
N SER B 282 -37.05 12.81 -16.07
CA SER B 282 -36.71 11.87 -17.13
C SER B 282 -36.19 10.57 -16.53
N GLY B 283 -36.77 9.45 -16.97
CA GLY B 283 -36.24 8.13 -16.67
C GLY B 283 -36.95 7.45 -15.52
N LYS B 284 -37.75 8.21 -14.76
CA LYS B 284 -38.37 7.71 -13.55
C LYS B 284 -39.69 7.02 -13.88
N ILE B 285 -39.82 5.77 -13.42
CA ILE B 285 -40.99 4.95 -13.69
C ILE B 285 -42.02 5.15 -12.58
N PRO B 286 -43.24 5.65 -12.89
CA PRO B 286 -44.27 5.87 -11.87
C PRO B 286 -44.64 4.65 -11.03
N VAL B 287 -44.99 4.90 -9.76
CA VAL B 287 -45.43 3.88 -8.84
C VAL B 287 -46.59 4.40 -7.99
N LYS B 288 -47.32 3.50 -7.32
CA LYS B 288 -48.36 3.91 -6.40
C LYS B 288 -47.75 4.39 -5.08
N ASP B 289 -46.64 3.76 -4.68
CA ASP B 289 -46.05 3.98 -3.37
C ASP B 289 -44.55 4.24 -3.55
N TYR B 290 -44.14 5.52 -3.42
CA TYR B 290 -42.76 5.94 -3.64
C TYR B 290 -41.79 5.09 -2.82
N PHE B 291 -42.13 4.86 -1.54
CA PHE B 291 -41.25 4.20 -0.60
C PHE B 291 -41.17 2.70 -0.88
N GLY B 292 -42.33 2.04 -0.87
CA GLY B 292 -42.41 0.60 -1.01
C GLY B 292 -42.05 0.11 -2.41
N ASP B 293 -42.48 0.83 -3.44
CA ASP B 293 -42.44 0.31 -4.80
C ASP B 293 -41.17 0.72 -5.55
N TYR B 294 -40.42 1.69 -5.01
CA TYR B 294 -39.30 2.28 -5.72
C TYR B 294 -38.06 2.39 -4.81
N MET B 295 -38.21 3.07 -3.67
CA MET B 295 -37.03 3.44 -2.89
C MET B 295 -36.44 2.19 -2.24
N MET B 296 -37.29 1.39 -1.58
CA MET B 296 -36.88 0.20 -0.85
C MET B 296 -36.15 -0.76 -1.80
N PRO B 297 -36.75 -1.18 -2.93
CA PRO B 297 -36.03 -2.05 -3.87
C PRO B 297 -34.80 -1.45 -4.56
N LEU B 298 -34.75 -0.11 -4.70
CA LEU B 298 -33.58 0.54 -5.28
C LEU B 298 -32.42 0.48 -4.30
N PHE B 299 -32.70 0.69 -3.00
CA PHE B 299 -31.71 0.57 -1.96
C PHE B 299 -31.15 -0.85 -1.93
N LYS B 300 -32.06 -1.83 -1.88
CA LYS B 300 -31.72 -3.24 -1.88
C LYS B 300 -30.80 -3.56 -3.05
N GLU B 301 -31.16 -3.09 -4.25
CA GLU B 301 -30.37 -3.35 -5.43
C GLU B 301 -28.93 -2.85 -5.24
N GLY B 302 -28.77 -1.62 -4.73
CA GLY B 302 -27.46 -1.05 -4.48
C GLY B 302 -26.62 -1.89 -3.50
N VAL B 303 -27.23 -2.24 -2.37
CA VAL B 303 -26.59 -3.07 -1.36
C VAL B 303 -26.19 -4.43 -1.95
N ASP B 304 -27.11 -5.08 -2.66
CA ASP B 304 -26.89 -6.42 -3.18
C ASP B 304 -25.79 -6.43 -4.23
N LEU B 305 -25.82 -5.45 -5.15
CA LEU B 305 -24.83 -5.37 -6.21
C LEU B 305 -23.44 -5.00 -5.68
N PHE B 306 -23.36 -4.07 -4.73
CA PHE B 306 -22.08 -3.40 -4.44
C PHE B 306 -21.51 -3.81 -3.08
N ASP B 307 -22.29 -4.45 -2.22
CA ASP B 307 -21.83 -4.94 -0.94
C ASP B 307 -21.05 -3.83 -0.21
N PRO B 308 -21.69 -2.67 0.05
CA PRO B 308 -21.00 -1.56 0.70
C PRO B 308 -20.67 -1.85 2.15
N ASP B 309 -19.61 -1.21 2.65
CA ASP B 309 -19.16 -1.34 4.03
C ASP B 309 -19.89 -0.33 4.89
N LEU B 310 -20.50 0.65 4.25
CA LEU B 310 -21.08 1.80 4.94
C LEU B 310 -22.31 2.27 4.16
N VAL B 311 -23.37 2.63 4.90
CA VAL B 311 -24.53 3.27 4.28
C VAL B 311 -24.64 4.71 4.81
N TRP B 312 -24.64 5.65 3.87
CA TRP B 312 -24.73 7.08 4.17
C TRP B 312 -26.07 7.59 3.64
N TYR B 313 -27.08 7.56 4.53
CA TYR B 313 -28.38 8.09 4.20
C TYR B 313 -28.30 9.60 4.06
N ASP B 314 -29.21 10.17 3.27
CA ASP B 314 -29.43 11.61 3.25
C ASP B 314 -30.88 11.86 2.87
N GLY B 315 -31.34 13.09 3.01
CA GLY B 315 -32.63 13.50 2.47
C GLY B 315 -33.82 12.84 3.19
N GLY B 316 -33.68 12.58 4.49
CA GLY B 316 -34.71 11.88 5.24
C GLY B 316 -35.40 12.76 6.28
N TRP B 317 -35.09 14.07 6.26
CA TRP B 317 -35.69 15.03 7.18
C TRP B 317 -37.10 15.42 6.71
N GLY B 318 -37.52 14.99 5.51
CA GLY B 318 -38.84 15.34 5.02
C GLY B 318 -39.95 14.37 5.41
N THR B 319 -39.58 13.18 5.87
CA THR B 319 -40.52 12.12 6.23
C THR B 319 -39.95 11.38 7.43
N PRO B 320 -40.74 11.09 8.49
CA PRO B 320 -40.23 10.32 9.62
C PRO B 320 -39.77 8.94 9.16
N ALA B 321 -38.75 8.39 9.83
CA ALA B 321 -38.16 7.11 9.45
C ALA B 321 -39.21 5.99 9.54
N ASN B 322 -40.17 6.16 10.47
CA ASN B 322 -41.31 5.27 10.63
C ASN B 322 -42.09 5.15 9.33
N SER B 323 -42.35 6.27 8.65
CA SER B 323 -43.21 6.30 7.47
C SER B 323 -42.46 5.96 6.19
N SER B 324 -41.16 6.27 6.13
CA SER B 324 -40.34 5.99 4.96
C SER B 324 -39.91 4.53 4.90
N ARG B 325 -39.93 3.85 6.07
CA ARG B 325 -39.62 2.43 6.20
C ARG B 325 -38.11 2.15 6.10
N VAL B 326 -37.30 3.16 6.44
CA VAL B 326 -35.86 3.04 6.40
C VAL B 326 -35.38 2.05 7.48
N PRO B 327 -36.02 1.95 8.68
CA PRO B 327 -35.62 0.93 9.65
C PRO B 327 -35.50 -0.49 9.10
N GLU B 328 -36.34 -0.82 8.12
CA GLU B 328 -36.34 -2.13 7.47
C GLU B 328 -35.13 -2.26 6.55
N LEU B 329 -34.72 -1.13 5.96
CA LEU B 329 -33.56 -1.10 5.08
C LEU B 329 -32.28 -1.21 5.92
N SER B 330 -32.29 -0.59 7.11
CA SER B 330 -31.17 -0.63 8.01
C SER B 330 -30.96 -2.05 8.54
N ALA B 331 -32.05 -2.68 8.98
CA ALA B 331 -32.00 -4.07 9.41
C ALA B 331 -31.50 -4.95 8.26
N TYR B 332 -32.02 -4.76 7.06
CA TYR B 332 -31.61 -5.55 5.90
C TYR B 332 -30.10 -5.45 5.70
N PHE B 333 -29.58 -4.21 5.73
CA PHE B 333 -28.18 -3.95 5.44
C PHE B 333 -27.30 -4.67 6.47
N TYR B 334 -27.62 -4.47 7.75
CA TYR B 334 -26.95 -5.19 8.82
C TYR B 334 -27.03 -6.70 8.56
N ASN B 335 -28.23 -7.23 8.27
CA ASN B 335 -28.44 -8.67 8.25
C ASN B 335 -27.72 -9.34 7.08
N GLN B 336 -27.66 -8.70 5.91
CA GLN B 336 -26.99 -9.31 4.76
C GLN B 336 -25.47 -9.26 4.93
N ALA B 337 -24.99 -8.60 5.99
CA ALA B 337 -23.56 -8.49 6.24
C ALA B 337 -23.11 -9.40 7.39
N GLU B 338 -24.04 -9.79 8.28
CA GLU B 338 -23.70 -10.52 9.50
C GLU B 338 -22.91 -11.78 9.18
N GLY B 339 -21.73 -11.91 9.82
CA GLY B 339 -20.82 -13.04 9.62
C GLY B 339 -20.02 -12.98 8.32
N ARG B 340 -20.09 -11.87 7.55
CA ARG B 340 -19.24 -11.68 6.39
C ARG B 340 -18.27 -10.52 6.61
N LYS B 341 -18.78 -9.39 7.13
CA LYS B 341 -18.00 -8.17 7.28
C LYS B 341 -18.72 -7.25 8.26
N GLU B 342 -17.96 -6.32 8.85
CA GLU B 342 -18.52 -5.33 9.74
C GLU B 342 -18.84 -4.07 8.94
N VAL B 343 -20.03 -3.51 9.21
CA VAL B 343 -20.59 -2.42 8.42
C VAL B 343 -21.12 -1.35 9.37
N VAL B 344 -21.43 -0.17 8.81
CA VAL B 344 -21.82 0.99 9.61
C VAL B 344 -22.83 1.83 8.83
N ILE B 345 -23.71 2.53 9.56
CA ILE B 345 -24.69 3.44 8.97
C ILE B 345 -24.60 4.79 9.70
N ASN B 346 -24.76 5.90 8.95
CA ASN B 346 -24.87 7.22 9.56
C ASN B 346 -26.25 7.36 10.20
N ASN B 347 -26.56 8.59 10.67
CA ASN B 347 -27.71 8.86 11.52
C ASN B 347 -28.85 9.55 10.75
N ARG B 348 -28.81 9.54 9.40
CA ARG B 348 -29.66 10.41 8.60
C ARG B 348 -30.90 9.69 8.06
N ALA B 349 -31.34 8.63 8.74
CA ALA B 349 -32.53 7.88 8.35
C ALA B 349 -33.80 8.73 8.51
N GLY B 350 -33.73 9.76 9.36
CA GLY B 350 -34.84 10.65 9.63
C GLY B 350 -35.28 10.56 11.08
N ALA B 351 -36.26 11.39 11.45
CA ALA B 351 -36.83 11.40 12.78
C ALA B 351 -37.50 10.06 13.10
N TYR B 352 -37.11 9.45 14.23
CA TYR B 352 -37.71 8.21 14.70
C TYR B 352 -38.68 8.56 15.84
N LEU B 353 -39.98 8.35 15.59
CA LEU B 353 -41.03 8.73 16.52
C LEU B 353 -41.72 7.48 17.05
N ASP B 354 -42.59 7.67 18.05
CA ASP B 354 -43.51 6.63 18.50
C ASP B 354 -44.85 7.27 18.89
N ASP B 355 -45.50 7.88 17.90
CA ASP B 355 -46.83 8.46 18.05
C ASP B 355 -47.88 7.36 18.04
N LYS B 379 -37.16 17.61 19.95
CA LYS B 379 -37.33 16.94 18.62
C LYS B 379 -37.51 15.44 18.85
N ALA B 380 -37.32 14.66 17.78
CA ALA B 380 -37.47 13.21 17.80
C ALA B 380 -36.14 12.56 18.15
N GLU B 381 -36.11 11.22 18.10
CA GLU B 381 -34.86 10.49 18.25
C GLU B 381 -34.33 10.10 16.87
N GLN B 382 -33.22 9.35 16.86
CA GLN B 382 -32.58 8.93 15.63
C GLN B 382 -32.22 7.45 15.71
N ILE B 383 -31.91 6.89 14.54
CA ILE B 383 -31.24 5.60 14.41
C ILE B 383 -30.00 5.82 13.55
N GLY B 384 -29.03 4.89 13.68
CA GLY B 384 -27.76 5.00 12.97
C GLY B 384 -26.60 5.01 13.96
N ASP B 385 -25.39 4.87 13.43
CA ASP B 385 -24.24 4.52 14.26
C ASP B 385 -23.45 5.74 14.67
N TYR B 386 -23.54 6.84 13.90
CA TYR B 386 -22.72 8.01 14.19
C TYR B 386 -23.37 9.28 13.64
N LEU B 387 -23.06 10.41 14.31
CA LEU B 387 -23.54 11.73 13.96
C LEU B 387 -22.75 12.29 12.77
N THR B 388 -23.41 13.16 11.98
CA THR B 388 -22.85 13.68 10.75
C THR B 388 -22.99 15.20 10.70
N PRO B 389 -22.37 15.97 11.62
CA PRO B 389 -22.36 17.43 11.50
C PRO B 389 -21.84 17.83 10.12
N GLU B 390 -22.46 18.87 9.53
CA GLU B 390 -22.27 19.22 8.14
C GLU B 390 -21.64 20.60 8.04
N TYR B 391 -20.48 20.67 7.37
CA TYR B 391 -19.70 21.88 7.15
C TYR B 391 -19.10 22.42 8.45
N SER B 392 -19.97 22.80 9.39
CA SER B 392 -19.55 23.30 10.68
C SER B 392 -19.58 22.16 11.70
N ILE B 393 -18.50 22.03 12.46
CA ILE B 393 -18.32 20.93 13.40
C ILE B 393 -19.31 21.05 14.56
N GLY B 394 -19.46 22.26 15.11
CA GLY B 394 -20.38 22.50 16.21
C GLY B 394 -19.86 21.92 17.52
N ASN B 395 -20.76 21.72 18.49
CA ASN B 395 -20.45 21.04 19.74
C ASN B 395 -20.59 19.53 19.56
N VAL B 396 -19.45 18.85 19.60
CA VAL B 396 -19.41 17.42 19.36
C VAL B 396 -19.30 16.69 20.69
N ASP B 397 -19.87 15.49 20.76
CA ASP B 397 -19.66 14.61 21.89
C ASP B 397 -18.40 13.79 21.62
N ILE B 398 -17.34 14.08 22.39
CA ILE B 398 -16.02 13.48 22.20
C ILE B 398 -16.04 12.01 22.60
N ASN B 399 -17.09 11.56 23.32
CA ASN B 399 -17.19 10.20 23.83
C ASN B 399 -17.56 9.20 22.74
N GLU B 400 -18.28 9.66 21.70
CA GLU B 400 -18.72 8.78 20.63
C GLU B 400 -18.14 9.23 19.29
N PRO B 401 -17.65 8.31 18.45
CA PRO B 401 -17.14 8.68 17.13
C PRO B 401 -18.22 9.33 16.26
N TRP B 402 -17.81 10.38 15.56
CA TRP B 402 -18.68 11.19 14.72
C TRP B 402 -17.90 11.52 13.46
N GLU B 403 -18.58 12.18 12.50
CA GLU B 403 -17.99 12.43 11.21
C GLU B 403 -18.51 13.78 10.68
N VAL B 404 -17.58 14.66 10.31
CA VAL B 404 -17.94 15.94 9.69
C VAL B 404 -17.67 15.82 8.19
N CYS B 405 -18.61 16.35 7.39
CA CYS B 405 -18.44 16.38 5.94
C CYS B 405 -18.33 17.83 5.46
N ARG B 406 -17.34 18.07 4.60
CA ARG B 406 -17.16 19.35 3.92
C ARG B 406 -16.03 19.24 2.91
N SER B 407 -16.00 20.19 1.96
CA SER B 407 -14.92 20.30 1.00
C SER B 407 -13.90 21.32 1.50
N ILE B 408 -12.91 21.63 0.65
CA ILE B 408 -11.89 22.60 1.01
C ILE B 408 -12.45 24.02 0.87
N SER B 409 -13.66 24.17 0.31
CA SER B 409 -14.35 25.45 0.26
C SER B 409 -15.71 25.31 0.95
N PRO B 410 -16.58 26.36 0.96
CA PRO B 410 -17.96 26.18 1.44
C PRO B 410 -18.81 25.21 0.63
N ALA B 411 -18.34 24.87 -0.59
CA ALA B 411 -19.14 24.24 -1.62
C ALA B 411 -19.34 22.75 -1.37
N PHE B 412 -20.60 22.32 -1.42
CA PHE B 412 -20.99 20.95 -1.68
C PHE B 412 -21.44 20.89 -3.13
N GLY B 413 -20.60 20.30 -3.99
CA GLY B 413 -20.77 20.36 -5.43
C GLY B 413 -19.85 21.43 -6.03
N PHE B 414 -19.37 21.16 -7.24
CA PHE B 414 -18.48 22.06 -7.98
C PHE B 414 -19.08 23.46 -8.04
N ASN B 415 -18.23 24.45 -7.71
CA ASN B 415 -18.51 25.86 -7.99
C ASN B 415 -17.35 26.37 -8.84
N TRP B 416 -17.66 26.76 -10.09
CA TRP B 416 -16.63 27.11 -11.06
C TRP B 416 -15.88 28.38 -10.65
N THR B 417 -16.46 29.20 -9.74
CA THR B 417 -15.81 30.42 -9.29
C THR B 417 -14.88 30.16 -8.11
N ASP B 418 -14.92 28.97 -7.50
CA ASP B 418 -14.00 28.62 -6.42
C ASP B 418 -12.56 28.61 -6.95
N ASN B 419 -11.61 29.00 -6.09
CA ASN B 419 -10.20 29.05 -6.45
C ASN B 419 -9.35 29.00 -5.18
N GLU B 420 -8.04 29.24 -5.29
CA GLU B 420 -7.13 29.16 -4.16
C GLU B 420 -7.57 30.08 -3.02
N GLU B 421 -8.07 31.27 -3.36
CA GLU B 421 -8.23 32.33 -2.38
C GLU B 421 -9.45 32.13 -1.50
N ASN B 422 -10.42 31.29 -1.92
CA ASN B 422 -11.61 31.06 -1.10
C ASN B 422 -11.64 29.63 -0.58
N SER B 423 -10.55 28.88 -0.82
CA SER B 423 -10.41 27.50 -0.36
C SER B 423 -9.41 27.45 0.80
N LEU B 424 -9.55 26.44 1.67
CA LEU B 424 -8.53 26.10 2.66
C LEU B 424 -7.18 25.94 1.97
N SER B 425 -6.14 26.49 2.61
CA SER B 425 -4.76 26.13 2.31
C SER B 425 -4.48 24.71 2.81
N SER B 426 -3.38 24.12 2.33
CA SER B 426 -2.94 22.80 2.79
C SER B 426 -2.69 22.82 4.29
N LYS B 427 -2.09 23.92 4.77
CA LYS B 427 -1.83 24.10 6.19
C LYS B 427 -3.12 24.09 6.99
N GLU B 428 -4.13 24.84 6.53
CA GLU B 428 -5.39 24.92 7.25
C GLU B 428 -6.13 23.58 7.24
N LEU B 429 -5.98 22.83 6.16
CA LEU B 429 -6.67 21.54 6.00
C LEU B 429 -6.10 20.52 7.00
N VAL B 430 -4.76 20.46 7.07
CA VAL B 430 -4.06 19.59 8.00
C VAL B 430 -4.50 19.93 9.43
N LYS B 431 -4.42 21.22 9.75
CA LYS B 431 -4.76 21.69 11.08
C LYS B 431 -6.19 21.31 11.44
N MET B 432 -7.11 21.48 10.48
CA MET B 432 -8.51 21.23 10.72
C MET B 432 -8.73 19.74 10.92
N PHE B 433 -8.05 18.91 10.11
CA PHE B 433 -8.15 17.47 10.17
C PHE B 433 -7.71 16.94 11.53
N VAL B 434 -6.55 17.39 12.01
CA VAL B 434 -5.97 16.91 13.25
C VAL B 434 -6.90 17.26 14.41
N GLY B 435 -7.47 18.47 14.38
CA GLY B 435 -8.44 18.90 15.38
C GLY B 435 -9.65 17.99 15.41
N ILE B 436 -10.10 17.56 14.24
CA ILE B 436 -11.21 16.62 14.14
C ILE B 436 -10.82 15.29 14.78
N VAL B 437 -9.65 14.79 14.42
CA VAL B 437 -9.23 13.45 14.85
C VAL B 437 -9.03 13.43 16.36
N ALA B 438 -8.44 14.50 16.90
CA ALA B 438 -8.17 14.60 18.34
C ALA B 438 -9.46 14.61 19.16
N ASN B 439 -10.58 15.00 18.53
CA ASN B 439 -11.88 15.09 19.21
C ASN B 439 -12.78 13.91 18.85
N ASN B 440 -12.19 12.82 18.33
CA ASN B 440 -12.86 11.54 18.15
C ASN B 440 -13.64 11.52 16.83
N GLY B 441 -13.33 12.43 15.92
CA GLY B 441 -14.05 12.55 14.67
C GLY B 441 -13.29 11.95 13.50
N ASN B 442 -14.05 11.60 12.45
CA ASN B 442 -13.51 11.40 11.10
C ASN B 442 -13.86 12.60 10.25
N LEU B 443 -13.04 12.86 9.23
CA LEU B 443 -13.34 13.85 8.20
C LEU B 443 -13.74 13.11 6.93
N LEU B 444 -14.96 13.36 6.47
CA LEU B 444 -15.43 12.90 5.18
C LEU B 444 -15.26 14.07 4.21
N LEU B 445 -14.10 14.09 3.56
CA LEU B 445 -13.66 15.22 2.76
C LEU B 445 -14.32 15.17 1.38
N VAL B 446 -15.20 16.14 1.13
CA VAL B 446 -15.91 16.28 -0.13
C VAL B 446 -14.94 16.76 -1.20
N ILE B 447 -14.99 16.12 -2.38
CA ILE B 447 -14.30 16.59 -3.56
C ILE B 447 -15.33 16.81 -4.67
N ASN B 448 -15.08 17.81 -5.52
CA ASN B 448 -16.11 18.46 -6.31
C ASN B 448 -15.65 18.57 -7.76
N PRO B 449 -15.79 17.50 -8.58
CA PRO B 449 -15.43 17.55 -9.99
C PRO B 449 -16.44 18.33 -10.84
N ASP B 450 -15.96 18.84 -11.99
CA ASP B 450 -16.79 19.56 -12.93
C ASP B 450 -17.60 18.56 -13.76
N GLY B 451 -18.35 19.05 -14.74
CA GLY B 451 -19.24 18.23 -15.55
C GLY B 451 -18.52 17.23 -16.44
N SER B 452 -17.22 17.44 -16.70
CA SER B 452 -16.40 16.48 -17.42
C SER B 452 -15.87 15.37 -16.50
N GLY B 453 -16.01 15.57 -15.18
CA GLY B 453 -15.52 14.63 -14.19
C GLY B 453 -14.10 14.95 -13.72
N LYS B 454 -13.59 16.13 -14.12
CA LYS B 454 -12.24 16.53 -13.79
C LYS B 454 -12.24 17.29 -12.46
N LEU B 455 -11.25 16.99 -11.62
CA LEU B 455 -11.08 17.68 -10.36
C LEU B 455 -10.08 18.82 -10.54
N SER B 456 -10.36 19.98 -9.93
CA SER B 456 -9.49 21.14 -10.02
C SER B 456 -8.14 20.83 -9.37
N ASN B 457 -7.10 21.54 -9.83
CA ASN B 457 -5.75 21.35 -9.30
C ASN B 457 -5.70 21.78 -7.83
N VAL B 458 -6.41 22.85 -7.49
CA VAL B 458 -6.48 23.33 -6.12
C VAL B 458 -6.91 22.18 -5.19
N GLN B 459 -7.93 21.41 -5.61
CA GLN B 459 -8.44 20.32 -4.80
C GLN B 459 -7.47 19.15 -4.79
N LYS B 460 -6.88 18.84 -5.95
CA LYS B 460 -5.90 17.77 -6.05
C LYS B 460 -4.71 18.04 -5.11
N ASP B 461 -4.20 19.28 -5.15
CA ASP B 461 -3.00 19.65 -4.42
C ASP B 461 -3.24 19.56 -2.92
N ARG B 462 -4.42 19.99 -2.45
CA ARG B 462 -4.75 19.90 -1.04
C ARG B 462 -4.78 18.45 -0.58
N LEU B 463 -5.40 17.57 -1.37
CA LEU B 463 -5.50 16.16 -1.05
C LEU B 463 -4.10 15.51 -1.02
N LEU B 464 -3.26 15.82 -2.00
CA LEU B 464 -1.94 15.24 -2.07
C LEU B 464 -1.05 15.76 -0.95
N ASP B 465 -1.23 17.02 -0.54
CA ASP B 465 -0.44 17.56 0.56
C ASP B 465 -0.86 16.90 1.86
N LEU B 466 -2.17 16.73 2.07
CA LEU B 466 -2.67 16.04 3.26
C LEU B 466 -2.14 14.62 3.30
N GLY B 467 -2.16 13.92 2.16
CA GLY B 467 -1.73 12.54 2.09
C GLY B 467 -0.24 12.37 2.35
N GLN B 468 0.54 13.36 1.92
CA GLN B 468 1.98 13.37 2.10
C GLN B 468 2.30 13.65 3.57
N TRP B 469 1.50 14.51 4.22
CA TRP B 469 1.62 14.72 5.66
C TRP B 469 1.24 13.45 6.41
N LEU B 470 0.19 12.75 5.95
CA LEU B 470 -0.27 11.51 6.58
C LEU B 470 0.71 10.36 6.35
N LYS B 471 1.44 10.40 5.23
CA LYS B 471 2.43 9.37 4.96
C LYS B 471 3.48 9.37 6.06
N VAL B 472 3.84 10.56 6.54
CA VAL B 472 4.86 10.72 7.56
C VAL B 472 4.22 10.47 8.94
N ASN B 473 3.06 11.09 9.19
CA ASN B 473 2.57 11.25 10.55
C ASN B 473 1.37 10.33 10.82
N GLY B 474 1.05 9.45 9.87
CA GLY B 474 -0.17 8.63 9.90
C GLY B 474 -0.27 7.74 11.14
N GLU B 475 0.88 7.32 11.68
CA GLU B 475 0.88 6.50 12.89
C GLU B 475 0.22 7.25 14.06
N GLY B 476 0.32 8.59 14.05
CA GLY B 476 -0.32 9.40 15.07
C GLY B 476 -1.78 9.74 14.76
N ILE B 477 -2.37 9.09 13.74
CA ILE B 477 -3.71 9.40 13.27
C ILE B 477 -4.51 8.11 13.18
N TYR B 478 -4.13 7.21 12.25
CA TYR B 478 -4.86 5.97 12.03
C TYR B 478 -4.86 5.15 13.31
N SER B 479 -6.01 4.56 13.64
CA SER B 479 -6.14 3.65 14.77
C SER B 479 -5.81 4.33 16.09
N THR B 480 -5.99 5.66 16.17
CA THR B 480 -5.80 6.38 17.43
C THR B 480 -7.14 6.69 18.07
N ARG B 481 -7.08 7.11 19.34
CA ARG B 481 -8.25 7.53 20.11
C ARG B 481 -7.91 8.84 20.79
N PRO B 482 -8.92 9.58 21.32
CA PRO B 482 -8.64 10.82 22.06
C PRO B 482 -7.84 10.52 23.33
N TRP B 483 -7.01 11.49 23.74
CA TRP B 483 -6.31 11.45 25.00
C TRP B 483 -7.04 12.37 25.99
N GLU B 484 -6.62 12.38 27.26
CA GLU B 484 -7.24 13.19 28.29
C GLU B 484 -7.11 14.68 27.96
N ILE B 485 -6.13 15.05 27.12
CA ILE B 485 -6.03 16.37 26.51
C ILE B 485 -6.15 16.18 24.99
N GLN B 486 -6.89 17.09 24.33
CA GLN B 486 -7.10 17.02 22.90
C GLN B 486 -6.31 18.13 22.20
N GLU B 487 -6.49 19.37 22.67
CA GLU B 487 -5.84 20.54 22.11
C GLU B 487 -5.33 21.40 23.27
N SER B 488 -4.08 21.86 23.18
CA SER B 488 -3.49 22.72 24.19
C SER B 488 -2.35 23.52 23.58
N GLU B 489 -2.49 24.85 23.56
CA GLU B 489 -1.47 25.77 23.10
C GLU B 489 -1.18 25.56 21.62
N GLY B 490 -2.20 25.17 20.85
CA GLY B 490 -2.07 24.96 19.41
C GLY B 490 -1.49 23.59 19.04
N ASN B 491 -1.23 22.73 20.05
CA ASN B 491 -0.73 21.38 19.84
C ASN B 491 -1.89 20.40 20.03
N PHE B 492 -1.89 19.31 19.24
CA PHE B 492 -2.98 18.34 19.25
C PHE B 492 -2.46 16.98 19.71
N PHE B 493 -3.29 16.25 20.46
CA PHE B 493 -2.89 14.99 21.07
C PHE B 493 -3.81 13.85 20.61
N THR B 494 -3.22 12.67 20.39
CA THR B 494 -3.91 11.41 20.22
C THR B 494 -3.17 10.34 21.01
N LYS B 495 -3.80 9.19 21.20
CA LYS B 495 -3.10 8.03 21.74
C LYS B 495 -3.41 6.81 20.88
N SER B 496 -2.45 5.88 20.81
CA SER B 496 -2.70 4.59 20.18
C SER B 496 -3.82 3.90 20.95
N LYS B 497 -4.62 3.09 20.24
CA LYS B 497 -5.82 2.53 20.84
C LYS B 497 -5.45 1.57 21.97
N ASN B 498 -4.23 1.00 21.95
CA ASN B 498 -3.77 0.13 23.03
C ASN B 498 -3.22 0.93 24.23
N GLY B 499 -2.92 2.21 24.05
CA GLY B 499 -2.55 3.08 25.17
C GLY B 499 -1.04 3.17 25.43
N GLU B 500 -0.23 2.55 24.56
CA GLU B 500 1.21 2.50 24.73
C GLU B 500 1.87 3.82 24.34
N PHE B 501 1.28 4.52 23.36
CA PHE B 501 1.90 5.68 22.77
C PHE B 501 0.94 6.87 22.83
N ILE B 502 1.50 8.05 23.14
CA ILE B 502 0.83 9.32 22.97
C ILE B 502 1.51 10.04 21.81
N TYR B 503 0.71 10.66 20.93
CA TYR B 503 1.24 11.43 19.83
C TYR B 503 0.89 12.90 20.03
N ILE B 504 1.83 13.77 19.67
CA ILE B 504 1.66 15.20 19.82
C ILE B 504 1.97 15.84 18.47
N HIS B 505 0.93 16.39 17.83
CA HIS B 505 1.07 17.02 16.53
C HIS B 505 1.39 18.50 16.72
N ILE B 506 2.53 18.92 16.15
CA ILE B 506 3.04 20.27 16.24
C ILE B 506 2.95 20.86 14.84
N LEU B 507 2.19 21.96 14.69
CA LEU B 507 1.87 22.53 13.39
C LEU B 507 2.52 23.90 13.21
N ASP B 508 3.01 24.52 14.29
CA ASP B 508 3.48 25.90 14.25
C ASP B 508 4.99 25.94 14.45
N LYS B 509 5.70 26.62 13.54
CA LYS B 509 7.14 26.70 13.56
C LYS B 509 7.65 27.64 14.65
N GLU B 510 6.77 28.52 15.17
CA GLU B 510 7.08 29.33 16.35
C GLU B 510 6.86 28.51 17.61
N LYS B 511 7.74 27.54 17.88
CA LYS B 511 7.64 26.75 19.09
C LYS B 511 9.04 26.25 19.44
N THR B 512 9.32 26.20 20.74
CA THR B 512 10.64 25.83 21.24
C THR B 512 10.46 24.83 22.39
N THR B 513 9.44 25.07 23.22
CA THR B 513 9.15 24.21 24.36
C THR B 513 7.69 23.75 24.27
N ILE B 514 7.44 22.51 24.70
CA ILE B 514 6.09 21.97 24.83
C ILE B 514 5.97 21.47 26.26
N GLU B 515 4.96 21.98 26.98
CA GLU B 515 4.73 21.53 28.35
C GLU B 515 3.46 20.69 28.37
N VAL B 516 3.59 19.42 28.81
CA VAL B 516 2.48 18.48 28.78
C VAL B 516 2.28 17.91 30.17
N PRO B 517 1.20 18.29 30.90
CA PRO B 517 0.87 17.65 32.17
C PRO B 517 0.44 16.19 32.06
N ASN B 518 1.05 15.32 32.88
CA ASN B 518 0.65 13.93 33.07
C ASN B 518 0.89 13.11 31.81
N LEU B 519 1.94 13.46 31.06
CA LEU B 519 2.36 12.66 29.91
C LEU B 519 3.06 11.36 30.33
N ASN B 520 3.99 11.43 31.30
CA ASN B 520 4.64 10.27 31.91
C ASN B 520 5.35 9.39 30.88
N PRO B 521 6.45 9.86 30.26
CA PRO B 521 7.24 9.01 29.36
C PRO B 521 7.88 7.84 30.10
N LYS B 522 8.04 6.72 29.40
CA LYS B 522 8.50 5.45 29.93
C LYS B 522 9.91 5.58 30.50
N ASN B 523 10.78 6.25 29.74
CA ASN B 523 12.19 6.40 30.08
C ASN B 523 12.72 7.61 29.30
N LYS B 524 14.02 7.90 29.43
CA LYS B 524 14.55 9.15 28.92
C LYS B 524 14.71 9.11 27.40
N GLY B 525 14.56 7.91 26.81
CA GLY B 525 14.56 7.78 25.35
C GLY B 525 13.17 7.52 24.78
N ALA B 526 12.11 7.81 25.55
CA ALA B 526 10.76 7.42 25.16
C ALA B 526 10.12 8.39 24.16
N ILE B 527 10.77 9.55 23.87
CA ILE B 527 10.18 10.50 22.94
C ILE B 527 10.99 10.59 21.67
N SER B 528 10.29 10.52 20.53
CA SER B 528 10.92 10.58 19.22
C SER B 528 10.01 11.40 18.30
N ILE B 529 10.49 11.61 17.06
CA ILE B 529 9.74 12.33 16.03
C ILE B 529 9.51 11.38 14.87
N LEU B 530 8.24 11.22 14.49
CA LEU B 530 7.86 10.39 13.36
C LEU B 530 8.59 10.86 12.11
N GLY B 531 9.22 9.91 11.41
CA GLY B 531 9.88 10.16 10.14
C GLY B 531 11.26 10.81 10.28
N SER B 532 11.83 10.78 11.48
CA SER B 532 13.09 11.48 11.74
C SER B 532 13.93 10.72 12.77
N LYS B 533 15.24 10.90 12.65
CA LYS B 533 16.20 10.32 13.57
C LYS B 533 16.59 11.33 14.65
N GLU B 534 16.13 12.58 14.52
CA GLU B 534 16.57 13.65 15.39
C GLU B 534 16.13 13.35 16.82
N LYS B 535 17.07 13.45 17.77
CA LYS B 535 16.84 13.07 19.15
C LYS B 535 16.06 14.19 19.84
N VAL B 536 15.09 13.81 20.68
CA VAL B 536 14.30 14.76 21.42
C VAL B 536 14.70 14.71 22.89
N LEU B 537 15.18 15.85 23.39
CA LEU B 537 15.60 16.01 24.76
C LEU B 537 14.45 16.61 25.57
N TRP B 538 14.26 16.10 26.78
CA TRP B 538 13.16 16.53 27.63
C TRP B 538 13.48 16.26 29.09
N GLU B 539 12.71 16.90 29.99
CA GLU B 539 12.86 16.75 31.43
C GLU B 539 11.48 16.85 32.08
N ASN B 540 11.29 16.09 33.17
CA ASN B 540 10.09 16.20 33.99
C ASN B 540 10.29 17.30 35.02
N SER B 541 9.17 17.89 35.45
CA SER B 541 9.16 18.96 36.43
C SER B 541 7.90 18.82 37.27
N GLY B 542 7.96 17.93 38.26
CA GLY B 542 6.78 17.48 38.98
C GLY B 542 5.87 16.67 38.05
N PRO B 543 4.59 17.08 37.87
CA PRO B 543 3.69 16.38 36.97
C PRO B 543 3.92 16.71 35.50
N ILE B 544 4.62 17.82 35.19
CA ILE B 544 4.72 18.34 33.84
C ILE B 544 5.97 17.79 33.15
N THR B 545 5.80 17.36 31.90
CA THR B 545 6.90 17.00 31.03
C THR B 545 7.20 18.17 30.13
N ARG B 546 8.47 18.57 30.08
CA ARG B 546 8.89 19.74 29.32
C ARG B 546 9.82 19.28 28.20
N ILE B 547 9.37 19.50 26.97
CA ILE B 547 10.05 19.01 25.79
C ILE B 547 10.66 20.21 25.09
N THR B 548 11.96 20.13 24.78
CA THR B 548 12.58 21.15 23.95
C THR B 548 12.67 20.63 22.52
N ILE B 549 12.19 21.45 21.58
CA ILE B 549 12.24 21.14 20.17
C ILE B 549 13.70 21.22 19.74
N PRO B 550 14.22 20.18 19.05
CA PRO B 550 15.56 20.21 18.48
C PRO B 550 15.82 21.48 17.68
N GLU B 551 17.09 21.89 17.64
CA GLU B 551 17.49 23.13 17.00
C GLU B 551 17.06 23.13 15.53
N SER B 552 17.31 22.03 14.81
CA SER B 552 17.02 21.96 13.39
C SER B 552 15.53 22.18 13.11
N PHE B 553 14.66 21.80 14.06
CA PHE B 553 13.21 21.82 13.85
C PHE B 553 12.62 23.22 14.09
N LYS B 554 13.45 24.23 14.33
CA LYS B 554 12.96 25.60 14.49
C LYS B 554 12.48 26.13 13.15
N ASP B 555 13.12 25.67 12.08
CA ASP B 555 12.76 25.98 10.70
C ASP B 555 12.03 24.78 10.10
N GLU B 556 10.85 25.02 9.51
CA GLU B 556 9.94 23.96 9.13
C GLU B 556 10.35 23.29 7.81
N ARG B 557 11.43 23.76 7.20
CA ARG B 557 11.96 23.15 5.99
C ARG B 557 12.78 21.92 6.34
N ASN B 558 13.13 21.74 7.62
CA ASN B 558 13.83 20.54 8.07
C ASN B 558 12.85 19.49 8.59
N TRP B 559 11.55 19.81 8.63
CA TRP B 559 10.54 18.84 9.03
C TRP B 559 10.44 17.75 7.97
N PRO B 560 10.19 16.48 8.35
CA PRO B 560 9.86 15.44 7.36
C PRO B 560 8.72 15.88 6.43
N ASN B 561 7.72 16.58 7.00
CA ASN B 561 6.66 17.19 6.22
C ASN B 561 6.44 18.62 6.70
N LYS B 562 6.32 19.55 5.74
CA LYS B 562 6.36 20.97 6.07
C LYS B 562 5.10 21.44 6.78
N TYR B 563 4.00 20.68 6.77
CA TYR B 563 2.75 21.13 7.39
C TYR B 563 2.64 20.65 8.83
N GLY B 564 3.62 19.88 9.33
CA GLY B 564 3.66 19.53 10.75
C GLY B 564 4.51 18.30 11.02
N PHE B 565 5.04 18.24 12.24
CA PHE B 565 5.73 17.06 12.73
C PHE B 565 5.02 16.57 13.98
N THR B 566 5.30 15.33 14.36
CA THR B 566 4.56 14.63 15.39
C THR B 566 5.54 13.95 16.33
N LEU B 567 5.36 14.21 17.64
CA LEU B 567 6.14 13.53 18.65
C LEU B 567 5.45 12.20 18.96
N LYS B 568 6.25 11.13 19.03
CA LYS B 568 5.80 9.84 19.50
C LYS B 568 6.38 9.61 20.89
N VAL B 569 5.50 9.34 21.84
CA VAL B 569 5.86 9.22 23.24
C VAL B 569 5.46 7.83 23.74
N ALA B 570 6.45 6.96 24.00
CA ALA B 570 6.19 5.72 24.69
C ALA B 570 5.90 6.06 26.16
N VAL B 571 4.71 5.65 26.64
CA VAL B 571 4.28 5.96 28.00
C VAL B 571 4.24 4.65 28.79
N LYS B 572 3.94 4.79 30.10
CA LYS B 572 4.01 3.71 31.07
C LYS B 572 5.30 3.85 31.90
#